data_5MGD
#
_entry.id   5MGD
#
_cell.length_a   58.285
_cell.length_b   105.873
_cell.length_c   83.715
_cell.angle_alpha   90.00
_cell.angle_beta   99.24
_cell.angle_gamma   90.00
#
_symmetry.space_group_name_H-M   'P 1 21 1'
#
loop_
_entity.id
_entity.type
_entity.pdbx_description
1 polymer 'Probable beta-galactosidase A'
2 branched alpha-D-mannopyranose-(1-2)-alpha-D-mannopyranose-(1-2)-alpha-D-mannopyranose-(1-3)-[alpha-D-mannopyranose-(1-3)-alpha-D-mannopyranose-(1-6)]beta-D-mannopyranose-(1-4)-2-acetamido-2-deoxy-beta-D-glucopyranose-(1-4)-2-acetamido-2-deoxy-beta-D-glucopyranose
3 branched alpha-D-mannopyranose-(1-2)-alpha-D-mannopyranose-(1-2)-alpha-D-mannopyranose-(1-3)-[alpha-D-mannopyranose-(1-2)-alpha-D-mannopyranose-(1-6)-[alpha-D-mannopyranose-(1-3)]alpha-D-mannopyranose-(1-6)]beta-D-mannopyranose-(1-4)-2-acetamido-2-deoxy-beta-D-glucopyranose-(1-4)-2-acetamido-2-deoxy-beta-D-glucopyranose
4 branched alpha-D-mannopyranose-(1-2)-alpha-D-mannopyranose-(1-2)-alpha-D-mannopyranose-(1-3)-beta-D-mannopyranose-(1-4)-2-acetamido-2-deoxy-beta-D-glucopyranose-(1-4)-2-acetamido-2-deoxy-beta-D-glucopyranose
5 branched beta-D-galactopyranose-(1-6)-beta-D-galactopyranose-(1-4)-alpha-D-glucopyranose
6 non-polymer 2-acetamido-2-deoxy-beta-D-glucopyranose
7 non-polymer 'DIMETHYL SULFOXIDE'
8 non-polymer 'CHLORIDE ION'
9 non-polymer 'PENTAETHYLENE GLYCOL'
10 water water
#
_entity_poly.entity_id   1
_entity_poly.type   'polypeptide(L)'
_entity_poly.pdbx_seq_one_letter_code
;MKLSSACAIALLAAQAAGASIKHRINGFTLTEHSDPAKRELLQKYVTWDDKSLFINGERIMIFSGEFHPFRLPVKELQLD
IFQKVKALGFNCVSFYVDWALVEGKPGEYRADGIFDLEPFFDAASEAGIYLLARPGPYINAESSGGGFPGWLQRVNGTLR
SSDKAYLDATDNYVSHVAATIAKYQITNGGPIILYQPENEYTSGCCGVEFPDPVYMQYVEDQARNAGVVIPLINNDASAS
GNNAPGTGKGAVDIYGHDSYPLGFDCANPTVWPSGDLPTNFRTLHLEQSPTTPYAIVQFQGGSYDPWGGPGFAACSELLN
NEFERVFYKNDFSFQIAIMNLYMIFGGTNWGNLGYPNGYTSYDYGSAVTESRNITREKYSELKLLGNFAKVSPGYLTASP
GNLTTSGYADTTDLTVTPLLGNSTGSFFVVRHSDYSSEESTSYKLRLPTSAGSVTIPQLGGTLTLNGRDSKIHVTDYNVS
GTNIIYSTAEVFTWKKFADGKVLVLYGGAGEHHELAISTKSNVTVIEGSESGISSKQTSSSVVVGWDVSTTRRIIQVGDL
KILLLDRNSAYNYWVPQLATDGTSPGFSTPEKVASSIIVKAGYLVRTAYLKGSGLYLTADFNATTSVEVIGVPSTAKNLF
INGDKTSHTVDKNGIWSATVDYNAPDISLPSLKDLDWKYVDTLPEIQSSYDDSLWPAADLKQTKNTLRSLTTPTSLYSSD
YGFHTGYLLYRGHFTATGNESTFAIDTQGGSAFGSSVWLNGTYLGSWTGLYANSDYNATYNLPQLQAGKTYVITVVIDNM
GLEENWTVGEDLMKTPRGILNFLLAGRPSSAISWKLTGNLGGEDYEDKVRGPLNEGGLYAERQGFHQPEPPSQNWKSSSP
LEGLSEAGIGFYSASFDLDLPKGWDVPLFLNIGNSTTPSPYRVQVYVNGYQYAKYISNIGPQTSFPVPEGILNYRGTNWL
AVTLWALDSAGGKLESLELSYTTPVLTALGEVESVDQPKYKKRKGAYHHHHHH
;
_entity_poly.pdbx_strand_id   A
#
loop_
_chem_comp.id
_chem_comp.type
_chem_comp.name
_chem_comp.formula
1PE non-polymer 'PENTAETHYLENE GLYCOL' 'C10 H22 O6'
BMA D-saccharide, beta linking beta-D-mannopyranose 'C6 H12 O6'
CL non-polymer 'CHLORIDE ION' 'Cl -1'
DMS non-polymer 'DIMETHYL SULFOXIDE' 'C2 H6 O S'
GAL D-saccharide, beta linking beta-D-galactopyranose 'C6 H12 O6'
GLC D-saccharide, alpha linking alpha-D-glucopyranose 'C6 H12 O6'
MAN D-saccharide, alpha linking alpha-D-mannopyranose 'C6 H12 O6'
NAG D-saccharide, beta linking 2-acetamido-2-deoxy-beta-D-glucopyranose 'C8 H15 N O6'
#
# COMPACT_ATOMS: atom_id res chain seq x y z
N LEU A 41 -7.42 23.26 19.00
CA LEU A 41 -8.79 23.84 18.88
C LEU A 41 -9.78 23.13 19.84
N LEU A 42 -10.01 21.84 19.64
CA LEU A 42 -10.92 21.04 20.49
C LEU A 42 -10.21 20.14 21.51
N GLN A 43 -8.88 20.04 21.43
CA GLN A 43 -8.11 19.31 22.42
C GLN A 43 -6.69 19.86 22.49
N LYS A 44 -5.92 19.41 23.48
CA LYS A 44 -4.59 19.94 23.76
C LYS A 44 -3.43 18.99 23.46
N TYR A 45 -3.74 17.74 23.08
CA TYR A 45 -2.70 16.74 22.75
C TYR A 45 -2.01 17.02 21.41
N VAL A 46 -2.80 17.37 20.40
CA VAL A 46 -2.30 17.60 19.04
C VAL A 46 -2.62 19.03 18.63
N THR A 47 -1.59 19.86 18.59
CA THR A 47 -1.71 21.25 18.19
C THR A 47 -0.72 21.51 17.06
N TRP A 48 -0.68 22.75 16.58
CA TRP A 48 0.25 23.13 15.51
C TRP A 48 0.50 24.62 15.49
N ASP A 49 1.55 25.01 14.77
CA ASP A 49 1.74 26.40 14.32
C ASP A 49 2.18 26.39 12.84
N ASP A 50 2.76 27.48 12.36
CA ASP A 50 3.17 27.56 10.94
C ASP A 50 4.28 26.58 10.51
N LYS A 51 5.07 26.06 11.45
CA LYS A 51 6.20 25.19 11.14
C LYS A 51 5.89 23.69 11.28
N SER A 52 5.22 23.30 12.37
CA SER A 52 4.99 21.88 12.62
C SER A 52 3.84 21.58 13.56
N LEU A 53 3.50 20.30 13.61
CA LEU A 53 2.64 19.75 14.64
C LEU A 53 3.39 19.73 15.94
N PHE A 54 2.64 19.81 17.03
CA PHE A 54 3.13 19.53 18.37
C PHE A 54 2.34 18.36 18.90
N ILE A 55 3.04 17.41 19.52
CA ILE A 55 2.40 16.31 20.22
C ILE A 55 2.84 16.38 21.68
N ASN A 56 1.86 16.64 22.55
CA ASN A 56 2.08 16.92 23.98
C ASN A 56 3.12 18.03 24.19
N GLY A 57 2.92 19.16 23.51
CA GLY A 57 3.79 20.31 23.62
C GLY A 57 5.19 20.21 23.00
N GLU A 58 5.46 19.17 22.22
CA GLU A 58 6.79 18.93 21.66
C GLU A 58 6.69 18.80 20.14
N ARG A 59 7.48 19.59 19.43
CA ARG A 59 7.55 19.55 17.96
C ARG A 59 7.86 18.15 17.47
N ILE A 60 7.25 17.77 16.35
CA ILE A 60 7.50 16.48 15.73
C ILE A 60 7.35 16.58 14.21
N MET A 61 8.29 15.99 13.49
CA MET A 61 8.20 15.86 12.04
C MET A 61 7.47 14.54 11.73
N ILE A 62 6.26 14.64 11.20
CA ILE A 62 5.45 13.45 10.93
C ILE A 62 5.90 12.84 9.59
N PHE A 63 6.53 11.67 9.66
CA PHE A 63 6.92 10.92 8.47
C PHE A 63 6.11 9.63 8.49
N SER A 64 5.29 9.46 7.47
CA SER A 64 4.27 8.43 7.47
C SER A 64 4.27 7.59 6.21
N GLY A 65 3.63 6.42 6.33
CA GLY A 65 3.47 5.47 5.24
C GLY A 65 2.02 5.02 5.16
N GLU A 66 1.53 4.84 3.94
CA GLU A 66 0.17 4.39 3.70
C GLU A 66 0.12 2.88 3.75
N PHE A 67 -0.90 2.38 4.44
CA PHE A 67 -1.08 0.97 4.69
C PHE A 67 -2.58 0.73 4.89
N HIS A 68 -3.17 -0.10 4.05
CA HIS A 68 -4.60 -0.37 4.10
C HIS A 68 -4.89 -1.71 4.77
N PRO A 69 -5.62 -1.68 5.91
CA PRO A 69 -5.89 -2.90 6.68
C PRO A 69 -6.65 -3.98 5.90
N PHE A 70 -7.57 -3.54 5.07
CA PHE A 70 -8.38 -4.43 4.25
C PHE A 70 -7.59 -5.19 3.16
N ARG A 71 -6.41 -4.67 2.75
CA ARG A 71 -5.54 -5.36 1.78
C ARG A 71 -4.53 -6.38 2.40
N LEU A 72 -4.66 -6.63 3.70
CA LEU A 72 -3.84 -7.63 4.43
C LEU A 72 -4.58 -7.96 5.75
N PRO A 73 -5.60 -8.83 5.68
CA PRO A 73 -6.51 -9.04 6.80
C PRO A 73 -6.07 -10.16 7.78
N VAL A 74 -4.80 -10.13 8.19
CA VAL A 74 -4.23 -11.06 9.18
C VAL A 74 -3.56 -10.20 10.27
N LYS A 75 -4.12 -10.19 11.47
CA LYS A 75 -3.71 -9.23 12.51
C LYS A 75 -2.23 -9.24 12.86
N GLU A 76 -1.61 -10.41 12.86
CA GLU A 76 -0.21 -10.55 13.25
C GLU A 76 0.73 -10.04 12.13
N LEU A 77 0.28 -10.17 10.88
CA LEU A 77 1.01 -9.57 9.75
C LEU A 77 0.85 -8.04 9.72
N GLN A 78 -0.25 -7.53 10.27
CA GLN A 78 -0.42 -6.08 10.39
C GLN A 78 0.61 -5.52 11.37
N LEU A 79 0.84 -6.19 12.49
CA LEU A 79 1.95 -5.85 13.38
C LEU A 79 3.31 -5.90 12.67
N ASP A 80 3.53 -6.90 11.81
CA ASP A 80 4.81 -7.01 11.06
C ASP A 80 5.12 -5.73 10.28
N ILE A 81 4.13 -5.24 9.55
CA ILE A 81 4.29 -4.04 8.71
C ILE A 81 4.56 -2.83 9.59
N PHE A 82 3.73 -2.64 10.62
CA PHE A 82 3.95 -1.55 11.56
C PHE A 82 5.39 -1.51 12.07
N GLN A 83 5.91 -2.66 12.46
CA GLN A 83 7.26 -2.74 13.00
C GLN A 83 8.34 -2.44 11.95
N LYS A 84 8.08 -2.85 10.71
CA LYS A 84 8.95 -2.51 9.56
C LYS A 84 8.94 -1.02 9.21
N VAL A 85 7.82 -0.34 9.46
CA VAL A 85 7.71 1.10 9.21
C VAL A 85 8.47 1.88 10.29
N LYS A 86 8.27 1.48 11.53
CA LYS A 86 8.99 2.04 12.69
C LYS A 86 10.52 1.93 12.53
N ALA A 87 10.98 0.82 11.94
CA ALA A 87 12.41 0.63 11.63
C ALA A 87 12.97 1.56 10.56
N LEU A 88 12.11 2.16 9.73
CA LEU A 88 12.53 3.20 8.78
C LEU A 88 12.90 4.54 9.45
N GLY A 89 12.51 4.71 10.71
CA GLY A 89 12.56 5.99 11.42
C GLY A 89 11.24 6.73 11.40
N PHE A 90 10.20 6.10 10.84
CA PHE A 90 8.88 6.71 10.71
C PHE A 90 8.17 6.68 12.06
N ASN A 91 7.16 7.52 12.17
CA ASN A 91 6.37 7.65 13.42
C ASN A 91 4.88 7.53 13.20
N CYS A 92 4.45 7.33 11.96
CA CYS A 92 3.05 7.41 11.63
C CYS A 92 2.67 6.52 10.43
N VAL A 93 1.43 6.05 10.45
CA VAL A 93 0.84 5.36 9.33
C VAL A 93 -0.53 6.01 9.01
N SER A 94 -0.81 6.13 7.72
CA SER A 94 -2.05 6.64 7.18
C SER A 94 -2.82 5.41 6.66
N PHE A 95 -4.13 5.37 6.89
CA PHE A 95 -4.94 4.24 6.40
C PHE A 95 -6.31 4.64 5.90
N TYR A 96 -6.81 3.91 4.90
CA TYR A 96 -8.19 4.00 4.46
C TYR A 96 -9.00 2.89 5.13
N VAL A 97 -10.28 3.13 5.29
CA VAL A 97 -11.28 2.11 5.56
C VAL A 97 -12.19 2.02 4.31
N ASP A 98 -12.38 0.81 3.81
CA ASP A 98 -13.23 0.54 2.65
C ASP A 98 -14.68 0.30 3.11
N TRP A 99 -15.56 1.25 2.83
CA TRP A 99 -16.99 1.19 3.19
C TRP A 99 -17.70 -0.01 2.54
N ALA A 100 -17.32 -0.32 1.31
CA ALA A 100 -17.91 -1.44 0.56
C ALA A 100 -17.69 -2.79 1.22
N LEU A 101 -16.62 -2.94 1.98
CA LEU A 101 -16.35 -4.18 2.70
C LEU A 101 -17.11 -4.29 4.03
N VAL A 102 -17.45 -3.15 4.64
CA VAL A 102 -18.06 -3.16 5.98
C VAL A 102 -19.55 -2.76 6.06
N GLU A 103 -20.13 -2.30 4.96
CA GLU A 103 -21.59 -2.14 4.87
C GLU A 103 -22.08 -2.67 3.51
N GLY A 104 -21.83 -3.94 3.26
CA GLY A 104 -22.32 -4.63 2.06
C GLY A 104 -23.85 -4.65 2.00
N LYS A 105 -24.49 -4.84 3.14
CA LYS A 105 -25.96 -4.71 3.22
C LYS A 105 -26.27 -3.33 3.79
N PRO A 106 -27.07 -2.50 3.06
CA PRO A 106 -27.37 -1.18 3.62
C PRO A 106 -28.13 -1.30 4.95
N GLY A 107 -27.62 -0.63 5.99
CA GLY A 107 -28.18 -0.66 7.33
C GLY A 107 -27.52 -1.63 8.27
N GLU A 108 -26.57 -2.44 7.79
CA GLU A 108 -25.84 -3.41 8.63
C GLU A 108 -24.33 -3.18 8.53
N TYR A 109 -23.81 -2.36 9.44
CA TYR A 109 -22.39 -2.14 9.59
C TYR A 109 -21.76 -3.35 10.27
N ARG A 110 -20.81 -3.98 9.58
CA ARG A 110 -20.03 -5.11 10.08
C ARG A 110 -18.56 -4.83 9.86
N ALA A 111 -17.86 -4.49 10.93
CA ALA A 111 -16.40 -4.36 10.92
C ALA A 111 -15.86 -5.27 12.01
N ASP A 112 -16.07 -6.57 11.78
CA ASP A 112 -15.74 -7.63 12.74
C ASP A 112 -14.78 -8.63 12.11
N GLY A 113 -14.24 -9.52 12.95
CA GLY A 113 -13.28 -10.54 12.51
C GLY A 113 -12.13 -9.94 11.71
N ILE A 114 -12.03 -10.30 10.43
CA ILE A 114 -10.92 -9.80 9.59
C ILE A 114 -11.02 -8.33 9.19
N PHE A 115 -12.22 -7.73 9.29
CA PHE A 115 -12.42 -6.30 9.05
C PHE A 115 -12.42 -5.42 10.32
N ASP A 116 -12.11 -6.00 11.47
CA ASP A 116 -12.04 -5.26 12.74
C ASP A 116 -10.82 -4.33 12.72
N LEU A 117 -11.07 -3.04 12.95
CA LEU A 117 -10.02 -2.03 13.00
C LEU A 117 -9.27 -2.02 14.35
N GLU A 118 -9.92 -2.52 15.41
CA GLU A 118 -9.35 -2.44 16.76
C GLU A 118 -7.99 -3.14 16.89
N PRO A 119 -7.85 -4.41 16.47
CA PRO A 119 -6.52 -5.04 16.40
C PRO A 119 -5.50 -4.30 15.52
N PHE A 120 -5.97 -3.65 14.48
CA PHE A 120 -5.10 -2.80 13.67
C PHE A 120 -4.57 -1.63 14.51
N PHE A 121 -5.45 -0.99 15.27
CA PHE A 121 -5.05 0.17 16.09
C PHE A 121 -4.12 -0.25 17.25
N ASP A 122 -4.50 -1.30 17.98
CA ASP A 122 -3.64 -1.88 19.02
C ASP A 122 -2.25 -2.29 18.51
N ALA A 123 -2.17 -2.87 17.31
CA ALA A 123 -0.89 -3.17 16.67
C ALA A 123 -0.07 -1.91 16.40
N ALA A 124 -0.74 -0.82 16.01
CA ALA A 124 -0.07 0.47 15.84
C ALA A 124 0.50 0.99 17.16
N SER A 125 -0.32 0.96 18.22
CA SER A 125 0.12 1.36 19.55
C SER A 125 1.36 0.55 19.92
N GLU A 126 1.22 -0.78 19.94
CA GLU A 126 2.32 -1.72 20.23
C GLU A 126 3.63 -1.47 19.45
N ALA A 127 3.54 -1.12 18.17
CA ALA A 127 4.73 -0.83 17.35
C ALA A 127 5.33 0.57 17.57
N GLY A 128 4.57 1.45 18.22
CA GLY A 128 4.97 2.84 18.46
C GLY A 128 4.64 3.78 17.30
N ILE A 129 3.54 3.50 16.60
CA ILE A 129 3.16 4.24 15.40
C ILE A 129 1.85 5.00 15.61
N TYR A 130 1.91 6.31 15.36
CA TYR A 130 0.73 7.15 15.32
C TYR A 130 -0.06 6.87 14.04
N LEU A 131 -1.35 7.18 14.04
CA LEU A 131 -2.14 7.02 12.83
C LEU A 131 -2.85 8.30 12.36
N LEU A 132 -2.87 8.45 11.03
CA LEU A 132 -3.75 9.35 10.29
C LEU A 132 -4.93 8.52 9.78
N ALA A 133 -6.13 8.78 10.28
CA ALA A 133 -7.33 8.02 9.91
C ALA A 133 -8.04 8.66 8.71
N ARG A 134 -8.33 7.86 7.67
CA ARG A 134 -8.93 8.34 6.44
C ARG A 134 -10.10 7.44 6.04
N PRO A 135 -11.23 7.50 6.77
CA PRO A 135 -12.33 6.56 6.54
C PRO A 135 -13.23 6.89 5.34
N GLY A 136 -12.96 7.99 4.63
CA GLY A 136 -13.73 8.36 3.46
C GLY A 136 -14.89 9.28 3.82
N PRO A 137 -16.15 8.93 3.50
CA PRO A 137 -16.58 7.65 2.89
C PRO A 137 -16.01 7.28 1.52
N TYR A 138 -15.72 8.29 0.71
CA TYR A 138 -15.06 8.05 -0.55
C TYR A 138 -13.56 7.98 -0.33
N ILE A 139 -12.92 6.90 -0.78
CA ILE A 139 -11.46 6.72 -0.62
C ILE A 139 -10.62 6.62 -1.91
N ASN A 140 -11.27 6.42 -3.06
CA ASN A 140 -10.61 6.13 -4.34
C ASN A 140 -9.75 4.82 -4.18
N ALA A 141 -8.43 4.93 -4.02
CA ALA A 141 -7.62 3.82 -3.52
C ALA A 141 -7.47 2.64 -4.47
N GLU A 142 -7.75 2.86 -5.75
CA GLU A 142 -7.84 1.77 -6.74
C GLU A 142 -8.69 0.61 -6.22
N SER A 143 -9.82 0.96 -5.60
CA SER A 143 -10.70 -0.02 -4.97
C SER A 143 -12.06 -0.01 -5.67
N SER A 144 -12.79 -1.11 -5.61
CA SER A 144 -14.11 -1.18 -6.23
C SER A 144 -14.95 -0.05 -5.68
N GLY A 145 -15.52 0.73 -6.59
CA GLY A 145 -16.44 1.80 -6.26
C GLY A 145 -15.78 3.03 -5.69
N GLY A 146 -14.45 3.08 -5.71
CA GLY A 146 -13.70 4.02 -4.91
C GLY A 146 -13.98 3.94 -3.42
N GLY A 147 -14.41 2.76 -2.95
CA GLY A 147 -14.85 2.56 -1.58
C GLY A 147 -16.36 2.54 -1.38
N PHE A 148 -17.13 3.08 -2.32
CA PHE A 148 -18.59 3.04 -2.25
C PHE A 148 -19.13 1.63 -2.49
N PRO A 149 -20.09 1.18 -1.66
CA PRO A 149 -20.77 -0.07 -1.96
C PRO A 149 -21.64 0.05 -3.20
N GLY A 150 -21.89 -1.09 -3.83
CA GLY A 150 -22.64 -1.13 -5.06
C GLY A 150 -24.06 -0.62 -4.96
N TRP A 151 -24.66 -0.64 -3.76
CA TRP A 151 -26.02 -0.10 -3.57
C TRP A 151 -26.13 1.42 -3.78
N LEU A 152 -25.02 2.16 -3.73
CA LEU A 152 -25.00 3.57 -4.17
C LEU A 152 -25.35 3.80 -5.66
N GLN A 153 -25.31 2.74 -6.48
CA GLN A 153 -25.89 2.82 -7.82
C GLN A 153 -27.42 3.02 -7.81
N ARG A 154 -28.08 2.79 -6.67
CA ARG A 154 -29.53 3.01 -6.53
C ARG A 154 -29.92 4.31 -5.81
N VAL A 155 -28.94 5.17 -5.52
CA VAL A 155 -29.17 6.40 -4.75
C VAL A 155 -29.56 7.54 -5.70
N ASN A 156 -30.69 8.18 -5.39
CA ASN A 156 -31.24 9.23 -6.25
C ASN A 156 -30.65 10.58 -5.84
N GLY A 157 -29.44 10.82 -6.34
CA GLY A 157 -28.69 11.99 -5.98
C GLY A 157 -27.26 11.88 -6.48
N THR A 158 -26.61 13.03 -6.64
CA THR A 158 -25.22 13.10 -7.02
C THR A 158 -24.35 12.58 -5.88
N LEU A 159 -23.44 11.68 -6.20
CA LEU A 159 -22.49 11.17 -5.21
C LEU A 159 -21.49 12.30 -4.87
N ARG A 160 -21.08 12.35 -3.60
CA ARG A 160 -20.14 13.34 -3.07
C ARG A 160 -20.67 14.79 -3.18
N SER A 161 -21.95 14.95 -2.90
CA SER A 161 -22.63 16.26 -2.95
C SER A 161 -23.49 16.43 -1.71
N SER A 162 -24.10 17.60 -1.60
CA SER A 162 -25.03 17.89 -0.50
C SER A 162 -26.44 17.36 -0.76
N ASP A 163 -26.68 16.69 -1.89
CA ASP A 163 -27.96 16.00 -2.13
C ASP A 163 -28.24 15.07 -0.95
N LYS A 164 -29.41 15.27 -0.36
CA LYS A 164 -29.83 14.60 0.86
C LYS A 164 -29.83 13.07 0.74
N ALA A 165 -30.18 12.56 -0.43
CA ALA A 165 -30.17 11.11 -0.67
C ALA A 165 -28.76 10.50 -0.50
N TYR A 166 -27.74 11.17 -1.02
CA TYR A 166 -26.35 10.71 -0.86
C TYR A 166 -25.87 10.82 0.59
N LEU A 167 -26.14 11.94 1.25
CA LEU A 167 -25.70 12.17 2.63
C LEU A 167 -26.34 11.21 3.63
N ASP A 168 -27.64 10.94 3.46
CA ASP A 168 -28.35 9.96 4.29
C ASP A 168 -27.77 8.55 4.14
N ALA A 169 -27.40 8.17 2.92
CA ALA A 169 -26.73 6.89 2.66
C ALA A 169 -25.40 6.74 3.43
N THR A 170 -24.67 7.85 3.61
CA THR A 170 -23.41 7.83 4.35
C THR A 170 -23.51 7.82 5.88
N ASP A 171 -24.65 8.26 6.44
CA ASP A 171 -24.75 8.51 7.90
C ASP A 171 -24.46 7.28 8.77
N ASN A 172 -25.03 6.13 8.44
CA ASN A 172 -24.80 4.90 9.22
C ASN A 172 -23.34 4.44 9.21
N TYR A 173 -22.68 4.49 8.04
CA TYR A 173 -21.26 4.11 7.94
C TYR A 173 -20.41 5.02 8.79
N VAL A 174 -20.60 6.33 8.65
CA VAL A 174 -19.75 7.32 9.31
C VAL A 174 -19.93 7.34 10.82
N SER A 175 -21.17 7.23 11.32
CA SER A 175 -21.38 7.20 12.78
C SER A 175 -20.75 5.98 13.44
N HIS A 176 -20.72 4.85 12.75
CA HIS A 176 -20.02 3.65 13.23
C HIS A 176 -18.50 3.75 13.11
N VAL A 177 -17.97 4.06 11.92
CA VAL A 177 -16.50 4.07 11.72
C VAL A 177 -15.85 5.16 12.57
N ALA A 178 -16.46 6.34 12.58
CA ALA A 178 -15.88 7.48 13.30
C ALA A 178 -15.93 7.33 14.83
N ALA A 179 -16.99 6.69 15.37
CA ALA A 179 -17.05 6.35 16.81
C ALA A 179 -15.95 5.36 17.21
N THR A 180 -15.66 4.40 16.34
CA THR A 180 -14.56 3.47 16.58
C THR A 180 -13.23 4.25 16.57
N ILE A 181 -13.05 5.11 15.57
CA ILE A 181 -11.89 5.98 15.49
C ILE A 181 -11.78 6.90 16.71
N ALA A 182 -12.92 7.41 17.19
CA ALA A 182 -12.99 8.28 18.38
C ALA A 182 -12.43 7.61 19.63
N LYS A 183 -12.83 6.37 19.85
CA LYS A 183 -12.31 5.56 20.94
C LYS A 183 -10.77 5.38 20.96
N TYR A 184 -10.13 5.44 19.79
CA TYR A 184 -8.67 5.23 19.66
C TYR A 184 -7.88 6.49 19.31
N GLN A 185 -8.47 7.66 19.50
CA GLN A 185 -7.71 8.92 19.43
C GLN A 185 -6.69 8.98 20.55
N ILE A 186 -5.66 9.79 20.31
CA ILE A 186 -4.63 10.09 21.31
C ILE A 186 -5.19 10.74 22.58
N THR A 187 -6.27 11.51 22.45
CA THR A 187 -7.05 12.01 23.58
C THR A 187 -7.63 10.93 24.49
N ASN A 188 -7.85 9.72 23.96
CA ASN A 188 -8.28 8.58 24.75
C ASN A 188 -7.16 7.55 24.93
N GLY A 189 -5.91 8.01 24.87
CA GLY A 189 -4.73 7.15 24.99
C GLY A 189 -4.45 6.21 23.82
N GLY A 190 -5.11 6.41 22.68
CA GLY A 190 -4.88 5.60 21.49
C GLY A 190 -3.74 6.15 20.62
N PRO A 191 -3.52 5.55 19.43
CA PRO A 191 -2.51 6.05 18.49
C PRO A 191 -2.98 7.11 17.47
N ILE A 192 -4.28 7.35 17.34
CA ILE A 192 -4.78 8.20 16.23
C ILE A 192 -4.65 9.71 16.54
N ILE A 193 -3.89 10.42 15.69
CA ILE A 193 -3.56 11.85 15.86
C ILE A 193 -4.22 12.83 14.88
N LEU A 194 -4.65 12.35 13.70
CA LEU A 194 -5.19 13.19 12.63
C LEU A 194 -6.30 12.41 11.93
N TYR A 195 -7.30 13.13 11.40
CA TYR A 195 -8.43 12.53 10.71
C TYR A 195 -8.57 13.24 9.36
N GLN A 196 -8.89 12.49 8.31
CA GLN A 196 -9.18 13.08 7.00
C GLN A 196 -10.64 12.84 6.61
N PRO A 197 -11.44 13.91 6.49
CA PRO A 197 -12.75 13.78 5.88
C PRO A 197 -12.63 13.81 4.35
N GLU A 198 -13.40 12.96 3.67
CA GLU A 198 -13.40 12.91 2.18
C GLU A 198 -12.03 12.49 1.63
N ASN A 199 -11.82 12.65 0.31
CA ASN A 199 -10.55 12.29 -0.33
C ASN A 199 -10.43 13.04 -1.65
N GLU A 200 -9.42 13.90 -1.75
CA GLU A 200 -9.15 14.62 -3.00
C GLU A 200 -10.42 15.30 -3.55
N TYR A 201 -11.11 16.03 -2.67
CA TYR A 201 -12.28 16.81 -3.03
C TYR A 201 -11.73 18.03 -3.77
N THR A 202 -11.58 17.87 -5.08
CA THR A 202 -10.68 18.70 -5.91
C THR A 202 -11.25 19.16 -7.26
N SER A 203 -11.96 18.30 -7.98
CA SER A 203 -12.62 18.68 -9.23
C SER A 203 -14.09 18.26 -9.26
N GLY A 204 -14.90 19.15 -9.83
CA GLY A 204 -16.32 18.95 -10.03
C GLY A 204 -16.70 19.20 -11.49
N CYS A 205 -17.91 18.81 -11.85
CA CYS A 205 -18.43 18.99 -13.20
C CYS A 205 -19.94 18.93 -13.16
N CYS A 206 -20.54 19.14 -14.32
CA CYS A 206 -21.86 18.59 -14.64
C CYS A 206 -22.98 19.20 -13.77
N GLY A 207 -22.87 20.49 -13.48
CA GLY A 207 -23.88 21.24 -12.73
C GLY A 207 -23.70 21.31 -11.22
N VAL A 208 -22.66 20.67 -10.68
CA VAL A 208 -22.36 20.78 -9.25
C VAL A 208 -21.55 22.05 -9.03
N GLU A 209 -21.97 22.84 -8.04
CA GLU A 209 -21.29 24.10 -7.73
C GLU A 209 -20.06 23.79 -6.87
N PHE A 210 -18.97 23.48 -7.55
CA PHE A 210 -17.72 23.10 -6.91
C PHE A 210 -16.85 24.34 -6.62
N PRO A 211 -16.26 24.47 -5.42
CA PRO A 211 -16.40 23.55 -4.29
C PRO A 211 -17.62 23.86 -3.43
N ASP A 212 -18.35 22.85 -3.01
CA ASP A 212 -19.52 23.03 -2.17
C ASP A 212 -19.09 23.09 -0.70
N PRO A 213 -19.13 24.30 -0.10
CA PRO A 213 -18.79 24.39 1.32
C PRO A 213 -19.81 23.71 2.26
N VAL A 214 -21.07 23.61 1.84
CA VAL A 214 -22.10 22.96 2.66
C VAL A 214 -21.81 21.47 2.77
N TYR A 215 -21.28 20.91 1.69
CA TYR A 215 -20.92 19.49 1.65
C TYR A 215 -19.74 19.16 2.57
N MET A 216 -18.62 19.85 2.37
CA MET A 216 -17.42 19.57 3.18
C MET A 216 -17.66 19.84 4.66
N GLN A 217 -18.44 20.88 4.97
CA GLN A 217 -18.86 21.14 6.36
C GLN A 217 -19.69 20.00 6.95
N TYR A 218 -20.64 19.45 6.18
CA TYR A 218 -21.45 18.31 6.65
C TYR A 218 -20.59 17.07 6.96
N VAL A 219 -19.65 16.78 6.06
CA VAL A 219 -18.74 15.65 6.19
C VAL A 219 -17.86 15.85 7.44
N GLU A 220 -17.39 17.07 7.64
CA GLU A 220 -16.63 17.42 8.85
C GLU A 220 -17.45 17.27 10.12
N ASP A 221 -18.69 17.79 10.12
CA ASP A 221 -19.61 17.69 11.27
C ASP A 221 -19.99 16.24 11.64
N GLN A 222 -20.09 15.36 10.64
CA GLN A 222 -20.32 13.92 10.87
C GLN A 222 -19.26 13.34 11.80
N ALA A 223 -18.00 13.59 11.49
CA ALA A 223 -16.87 13.08 12.27
C ALA A 223 -16.90 13.63 13.70
N ARG A 224 -17.10 14.94 13.81
CA ARG A 224 -17.17 15.63 15.11
C ARG A 224 -18.36 15.12 15.95
N ASN A 225 -19.52 14.96 15.34
CA ASN A 225 -20.70 14.41 16.05
C ASN A 225 -20.44 13.01 16.61
N ALA A 226 -19.61 12.20 15.92
CA ALA A 226 -19.26 10.87 16.42
C ALA A 226 -18.17 10.90 17.50
N GLY A 227 -17.72 12.10 17.87
CA GLY A 227 -16.75 12.27 18.95
C GLY A 227 -15.33 12.47 18.48
N VAL A 228 -15.09 12.69 17.20
CA VAL A 228 -13.71 12.94 16.71
C VAL A 228 -13.35 14.38 17.07
N VAL A 229 -12.32 14.54 17.92
CA VAL A 229 -11.86 15.87 18.36
C VAL A 229 -10.47 16.27 17.88
N ILE A 230 -9.72 15.31 17.36
CA ILE A 230 -8.39 15.59 16.81
C ILE A 230 -8.48 16.43 15.53
N PRO A 231 -7.36 17.07 15.11
CA PRO A 231 -7.44 17.95 13.94
C PRO A 231 -7.85 17.25 12.63
N LEU A 232 -8.65 17.93 11.82
CA LEU A 232 -9.01 17.48 10.48
C LEU A 232 -7.99 18.00 9.47
N ILE A 233 -7.55 17.12 8.58
CA ILE A 233 -6.61 17.44 7.50
C ILE A 233 -7.19 16.95 6.17
N ASN A 234 -6.98 17.71 5.09
CA ASN A 234 -7.48 17.29 3.79
C ASN A 234 -6.31 16.94 2.87
N ASN A 235 -6.66 16.41 1.70
CA ASN A 235 -5.66 15.96 0.72
C ASN A 235 -6.10 16.35 -0.68
N ASP A 236 -6.12 17.66 -0.91
CA ASP A 236 -6.33 18.24 -2.23
C ASP A 236 -5.47 17.51 -3.26
N ALA A 237 -6.08 17.11 -4.38
CA ALA A 237 -5.39 16.29 -5.39
C ALA A 237 -4.21 17.01 -6.06
N SER A 238 -4.29 18.34 -6.12
CA SER A 238 -3.15 19.19 -6.43
C SER A 238 -3.17 20.34 -5.45
N ALA A 239 -2.09 21.10 -5.44
CA ALA A 239 -1.95 22.25 -4.55
C ALA A 239 -2.84 23.41 -5.02
N SER A 240 -4.14 23.31 -4.74
CA SER A 240 -5.16 24.26 -5.25
C SER A 240 -5.88 25.06 -4.15
N GLY A 241 -5.50 24.87 -2.90
CA GLY A 241 -6.05 25.65 -1.79
C GLY A 241 -7.45 25.31 -1.32
N ASN A 242 -8.04 24.24 -1.84
CA ASN A 242 -9.44 23.91 -1.53
C ASN A 242 -9.60 23.56 -0.05
N ASN A 243 -10.62 24.14 0.58
CA ASN A 243 -10.96 23.89 2.00
C ASN A 243 -9.86 24.26 3.02
N ALA A 244 -8.91 25.09 2.60
CA ALA A 244 -7.83 25.55 3.47
C ALA A 244 -8.40 26.44 4.58
N PRO A 245 -7.64 26.58 5.70
CA PRO A 245 -8.00 27.56 6.75
C PRO A 245 -8.15 28.98 6.22
N GLY A 246 -9.26 29.62 6.58
CA GLY A 246 -9.59 30.97 6.10
C GLY A 246 -10.64 31.01 5.00
N THR A 247 -10.99 29.86 4.43
CA THR A 247 -12.00 29.77 3.37
C THR A 247 -13.44 29.65 3.90
N GLY A 248 -13.63 29.73 5.22
CA GLY A 248 -14.97 29.86 5.80
C GLY A 248 -15.58 28.51 6.11
N LYS A 249 -16.85 28.33 5.73
CA LYS A 249 -17.55 27.07 5.97
C LYS A 249 -16.89 25.91 5.20
N GLY A 250 -16.71 24.78 5.88
CA GLY A 250 -16.08 23.59 5.29
C GLY A 250 -14.56 23.59 5.22
N ALA A 251 -13.92 24.55 5.88
CA ALA A 251 -12.46 24.59 5.96
C ALA A 251 -12.01 23.52 6.96
N VAL A 252 -10.90 22.85 6.64
CA VAL A 252 -10.27 21.90 7.58
C VAL A 252 -9.31 22.67 8.48
N ASP A 253 -8.64 21.98 9.40
CA ASP A 253 -7.68 22.60 10.32
C ASP A 253 -6.30 22.73 9.70
N ILE A 254 -5.83 21.66 9.05
CA ILE A 254 -4.52 21.69 8.39
C ILE A 254 -4.75 21.41 6.93
N TYR A 255 -4.26 22.31 6.07
CA TYR A 255 -4.39 22.11 4.64
C TYR A 255 -3.32 21.12 4.19
N GLY A 256 -3.75 20.04 3.56
CA GLY A 256 -2.85 19.13 2.87
C GLY A 256 -3.16 18.96 1.38
N HIS A 257 -2.15 18.54 0.64
CA HIS A 257 -2.32 18.19 -0.77
C HIS A 257 -1.49 16.96 -1.14
N ASP A 258 -1.78 16.36 -2.29
CA ASP A 258 -1.08 15.15 -2.76
C ASP A 258 -0.16 15.50 -3.92
N SER A 259 0.72 14.58 -4.31
CA SER A 259 1.69 14.82 -5.39
C SER A 259 2.30 13.51 -5.92
N TYR A 260 2.13 13.27 -7.21
CA TYR A 260 2.71 12.13 -7.87
C TYR A 260 3.55 12.63 -9.04
N PRO A 261 4.68 13.27 -8.72
CA PRO A 261 5.40 14.04 -9.73
C PRO A 261 6.06 13.23 -10.85
N LEU A 262 6.45 11.99 -10.58
CA LEU A 262 7.14 11.17 -11.60
C LEU A 262 6.17 10.35 -12.45
N GLY A 263 4.89 10.30 -12.07
CA GLY A 263 3.86 9.69 -12.90
C GLY A 263 3.86 8.17 -12.83
N PHE A 264 3.24 7.55 -13.84
CA PHE A 264 2.89 6.12 -13.79
C PHE A 264 3.33 5.33 -15.03
N ASP A 265 4.36 5.80 -15.72
CA ASP A 265 4.88 5.14 -16.92
C ASP A 265 5.93 4.13 -16.49
N CYS A 266 5.46 3.05 -15.87
CA CYS A 266 6.34 2.00 -15.35
C CYS A 266 7.13 1.27 -16.46
N ALA A 267 6.60 1.28 -17.69
CA ALA A 267 7.29 0.72 -18.88
C ALA A 267 8.64 1.38 -19.23
N ASN A 268 8.82 2.66 -18.87
CA ASN A 268 10.08 3.39 -19.09
C ASN A 268 10.68 3.81 -17.75
N PRO A 269 11.19 2.85 -16.97
CA PRO A 269 11.54 3.13 -15.60
C PRO A 269 12.73 4.06 -15.38
N THR A 270 13.58 4.27 -16.39
CA THR A 270 14.73 5.18 -16.29
C THR A 270 14.45 6.61 -16.76
N VAL A 271 13.33 6.84 -17.46
CA VAL A 271 12.99 8.16 -17.98
C VAL A 271 12.37 9.05 -16.89
N TRP A 272 13.06 10.17 -16.62
CA TRP A 272 12.66 11.21 -15.68
C TRP A 272 12.38 12.46 -16.50
N PRO A 273 11.11 12.72 -16.85
CA PRO A 273 10.84 13.80 -17.82
C PRO A 273 11.17 15.20 -17.30
N SER A 274 11.65 16.06 -18.21
CA SER A 274 12.03 17.43 -17.89
C SER A 274 10.94 18.21 -17.14
N GLY A 275 11.33 18.92 -16.09
CA GLY A 275 10.40 19.73 -15.31
C GLY A 275 9.41 19.02 -14.40
N ASP A 276 9.50 17.69 -14.27
CA ASP A 276 8.56 16.95 -13.40
C ASP A 276 8.96 17.00 -11.91
N LEU A 277 10.16 17.49 -11.57
CA LEU A 277 10.52 17.71 -10.16
C LEU A 277 9.86 19.03 -9.70
N PRO A 278 8.95 18.97 -8.69
CA PRO A 278 8.32 20.21 -8.23
C PRO A 278 9.32 21.21 -7.63
N THR A 279 9.15 22.49 -7.96
CA THR A 279 9.96 23.56 -7.39
C THR A 279 9.17 24.66 -6.67
N ASN A 280 7.87 24.80 -6.95
CA ASN A 280 7.05 25.92 -6.43
C ASN A 280 6.14 25.56 -5.22
N PHE A 281 6.38 24.43 -4.58
CA PHE A 281 5.48 23.94 -3.53
C PHE A 281 5.48 24.80 -2.27
N ARG A 282 6.60 25.42 -1.94
CA ARG A 282 6.65 26.32 -0.78
C ARG A 282 5.91 27.61 -1.10
N THR A 283 6.17 28.15 -2.29
CA THR A 283 5.48 29.35 -2.77
C THR A 283 3.97 29.15 -2.70
N LEU A 284 3.47 28.05 -3.26
CA LEU A 284 2.03 27.72 -3.19
C LEU A 284 1.52 27.56 -1.75
N HIS A 285 2.33 26.91 -0.91
CA HIS A 285 1.97 26.72 0.51
C HIS A 285 1.72 28.04 1.23
N LEU A 286 2.63 28.99 1.03
CA LEU A 286 2.51 30.32 1.64
C LEU A 286 1.34 31.15 1.10
N GLU A 287 0.97 30.95 -0.16
CA GLU A 287 -0.27 31.56 -0.71
C GLU A 287 -1.55 30.91 -0.14
N GLN A 288 -1.51 29.60 0.10
CA GLN A 288 -2.73 28.83 0.33
C GLN A 288 -3.06 28.55 1.79
N SER A 289 -2.05 28.29 2.62
CA SER A 289 -2.29 28.02 4.04
C SER A 289 -1.06 28.27 4.89
N PRO A 290 -0.58 29.54 4.95
CA PRO A 290 0.67 29.87 5.65
C PRO A 290 0.65 29.67 7.18
N THR A 291 -0.54 29.54 7.77
CA THR A 291 -0.68 29.39 9.22
C THR A 291 -0.60 27.93 9.69
N THR A 292 -0.51 26.97 8.76
CA THR A 292 -0.46 25.55 9.12
C THR A 292 0.80 24.90 8.57
N PRO A 293 1.23 23.78 9.18
CA PRO A 293 2.49 23.18 8.72
C PRO A 293 2.34 22.61 7.30
N TYR A 294 3.44 22.65 6.53
CA TYR A 294 3.40 22.19 5.16
C TYR A 294 3.21 20.67 5.12
N ALA A 295 2.19 20.22 4.40
CA ALA A 295 1.72 18.84 4.48
C ALA A 295 1.40 18.25 3.10
N ILE A 296 2.07 17.15 2.76
CA ILE A 296 1.71 16.36 1.59
C ILE A 296 1.15 15.04 2.10
N VAL A 297 -0.16 14.85 1.94
CA VAL A 297 -0.87 13.71 2.55
C VAL A 297 -0.78 12.41 1.72
N GLN A 298 -0.56 12.52 0.41
CA GLN A 298 -0.15 11.39 -0.41
C GLN A 298 1.00 11.82 -1.34
N PHE A 299 2.23 11.50 -0.95
CA PHE A 299 3.36 11.67 -1.85
C PHE A 299 3.74 10.33 -2.47
N GLN A 300 3.92 10.33 -3.78
CA GLN A 300 4.27 9.12 -4.54
C GLN A 300 5.33 8.22 -3.88
N GLY A 301 4.95 6.98 -3.61
CA GLY A 301 5.85 5.95 -3.12
C GLY A 301 5.80 4.69 -3.97
N GLY A 302 5.33 4.83 -5.20
CA GLY A 302 5.12 3.71 -6.08
C GLY A 302 4.11 4.08 -7.15
N SER A 303 3.48 3.06 -7.74
CA SER A 303 2.56 3.28 -8.86
C SER A 303 1.56 2.15 -8.97
N TYR A 304 0.39 2.45 -9.51
CA TYR A 304 -0.58 1.40 -9.88
C TYR A 304 -0.09 0.76 -11.19
N ASP A 305 -0.62 -0.43 -11.50
CA ASP A 305 -0.34 -1.13 -12.77
C ASP A 305 -1.65 -1.77 -13.23
N PRO A 306 -2.10 -1.43 -14.44
CA PRO A 306 -3.35 -2.02 -14.94
C PRO A 306 -3.21 -3.45 -15.52
N TRP A 307 -4.37 -4.11 -15.69
CA TRP A 307 -4.43 -5.32 -16.52
C TRP A 307 -3.62 -5.07 -17.79
N GLY A 308 -2.80 -6.03 -18.18
CA GLY A 308 -1.96 -5.90 -19.37
C GLY A 308 -0.71 -5.05 -19.27
N GLY A 309 -0.42 -4.50 -18.08
CA GLY A 309 0.68 -3.60 -17.89
C GLY A 309 2.02 -4.32 -17.73
N PRO A 310 3.11 -3.55 -17.55
CA PRO A 310 4.45 -4.14 -17.47
C PRO A 310 4.75 -4.90 -16.17
N GLY A 311 3.96 -4.70 -15.12
CA GLY A 311 4.15 -5.40 -13.84
C GLY A 311 4.71 -4.46 -12.78
N PHE A 312 4.51 -4.84 -11.53
CA PHE A 312 4.94 -3.99 -10.41
C PHE A 312 6.43 -3.98 -10.18
N ALA A 313 7.14 -5.00 -10.67
CA ALA A 313 8.60 -4.97 -10.63
C ALA A 313 9.11 -3.72 -11.37
N ALA A 314 8.53 -3.45 -12.53
CA ALA A 314 8.81 -2.23 -13.31
C ALA A 314 8.49 -0.93 -12.55
N CYS A 315 7.39 -0.94 -11.80
CA CYS A 315 7.01 0.19 -10.96
C CYS A 315 8.02 0.43 -9.83
N SER A 316 8.51 -0.63 -9.20
CA SER A 316 9.57 -0.49 -8.19
C SER A 316 10.89 0.02 -8.80
N GLU A 317 11.16 -0.26 -10.07
CA GLU A 317 12.33 0.31 -10.78
C GLU A 317 12.19 1.82 -11.04
N LEU A 318 10.97 2.28 -11.36
CA LEU A 318 10.72 3.71 -11.56
C LEU A 318 10.78 4.47 -10.22
N LEU A 319 10.08 3.96 -9.21
CA LEU A 319 10.04 4.59 -7.89
C LEU A 319 11.06 3.94 -6.94
N ASN A 320 12.32 3.97 -7.36
CA ASN A 320 13.42 3.24 -6.71
C ASN A 320 14.20 4.15 -5.74
N ASN A 321 15.31 3.65 -5.18
CA ASN A 321 16.18 4.46 -4.30
C ASN A 321 16.58 5.84 -4.89
N GLU A 322 16.82 5.92 -6.20
CA GLU A 322 17.26 7.16 -6.82
C GLU A 322 16.14 8.19 -6.84
N PHE A 323 14.94 7.73 -7.18
CA PHE A 323 13.72 8.55 -7.05
C PHE A 323 13.57 9.05 -5.61
N GLU A 324 13.75 8.18 -4.64
CA GLU A 324 13.57 8.59 -3.22
C GLU A 324 14.55 9.67 -2.77
N ARG A 325 15.83 9.44 -3.02
CA ARG A 325 16.85 10.40 -2.59
C ARG A 325 16.79 11.76 -3.29
N VAL A 326 16.31 11.82 -4.53
CA VAL A 326 16.12 13.10 -5.22
C VAL A 326 14.77 13.74 -4.85
N PHE A 327 13.69 12.98 -4.98
CA PHE A 327 12.35 13.56 -4.83
C PHE A 327 11.96 13.80 -3.38
N TYR A 328 12.36 12.94 -2.44
CA TYR A 328 11.98 13.15 -1.03
C TYR A 328 12.82 14.22 -0.33
N LYS A 329 14.13 14.24 -0.61
CA LYS A 329 14.97 15.35 -0.14
C LYS A 329 14.53 16.71 -0.69
N ASN A 330 13.97 16.70 -1.90
CA ASN A 330 13.37 17.89 -2.49
C ASN A 330 12.15 18.37 -1.69
N ASP A 331 11.34 17.45 -1.18
CA ASP A 331 10.24 17.82 -0.26
C ASP A 331 10.72 18.38 1.07
N PHE A 332 11.85 17.88 1.56
CA PHE A 332 12.55 18.49 2.71
C PHE A 332 13.05 19.92 2.45
N SER A 333 13.35 20.24 1.19
CA SER A 333 13.75 21.60 0.79
C SER A 333 12.63 22.64 0.96
N PHE A 334 11.38 22.19 0.99
CA PHE A 334 10.22 23.04 1.26
C PHE A 334 9.82 23.04 2.73
N GLN A 335 10.65 22.46 3.59
CA GLN A 335 10.33 22.26 5.00
C GLN A 335 9.00 21.54 5.24
N ILE A 336 8.79 20.46 4.50
CA ILE A 336 7.67 19.58 4.75
C ILE A 336 7.70 19.10 6.21
N ALA A 337 6.56 19.24 6.88
CA ALA A 337 6.40 18.85 8.27
C ALA A 337 5.50 17.64 8.46
N ILE A 338 4.62 17.37 7.49
CA ILE A 338 3.80 16.16 7.47
C ILE A 338 3.96 15.53 6.08
N MET A 339 4.44 14.30 6.03
CA MET A 339 4.76 13.65 4.78
C MET A 339 4.33 12.21 4.87
N ASN A 340 3.33 11.84 4.06
CA ASN A 340 2.85 10.47 3.98
C ASN A 340 3.11 9.87 2.60
N LEU A 341 3.76 8.70 2.59
CA LEU A 341 4.05 7.99 1.36
C LEU A 341 2.98 6.97 0.99
N TYR A 342 2.33 7.21 -0.15
CA TYR A 342 1.34 6.31 -0.76
C TYR A 342 2.02 5.47 -1.87
N MET A 343 2.27 4.17 -1.69
CA MET A 343 2.03 3.36 -0.50
C MET A 343 3.39 3.03 0.12
N ILE A 344 3.41 2.72 1.41
CA ILE A 344 4.57 2.08 2.02
C ILE A 344 4.46 0.56 1.90
N PHE A 345 3.23 0.05 2.04
CA PHE A 345 2.91 -1.35 1.79
C PHE A 345 1.55 -1.43 1.09
N GLY A 346 1.53 -2.01 -0.11
CA GLY A 346 0.31 -2.14 -0.88
C GLY A 346 -0.56 -3.34 -0.54
N GLY A 347 0.04 -4.53 -0.48
CA GLY A 347 -0.75 -5.74 -0.20
C GLY A 347 -1.47 -6.24 -1.44
N THR A 348 -2.67 -6.80 -1.22
CA THR A 348 -3.37 -7.58 -2.25
C THR A 348 -4.85 -7.20 -2.40
N ASN A 349 -5.33 -7.18 -3.64
CA ASN A 349 -6.73 -6.98 -3.94
C ASN A 349 -7.47 -8.33 -3.95
N TRP A 350 -7.51 -8.96 -2.80
CA TRP A 350 -8.17 -10.24 -2.61
C TRP A 350 -9.68 -10.05 -2.65
N GLY A 351 -10.40 -11.16 -2.89
CA GLY A 351 -11.85 -11.20 -2.85
C GLY A 351 -12.58 -10.11 -3.63
N ASN A 352 -12.05 -9.77 -4.81
CA ASN A 352 -12.62 -8.79 -5.73
C ASN A 352 -12.76 -7.36 -5.15
N LEU A 353 -11.89 -7.00 -4.21
CA LEU A 353 -12.02 -5.71 -3.53
C LEU A 353 -11.51 -4.54 -4.41
N GLY A 354 -10.77 -4.88 -5.48
CA GLY A 354 -10.12 -3.88 -6.32
C GLY A 354 -11.01 -3.28 -7.40
N TYR A 355 -10.56 -2.16 -7.96
CA TYR A 355 -11.25 -1.48 -9.05
C TYR A 355 -10.98 -2.18 -10.37
N PRO A 356 -11.82 -1.93 -11.40
CA PRO A 356 -11.76 -2.79 -12.57
C PRO A 356 -10.48 -2.69 -13.39
N ASN A 357 -9.78 -1.56 -13.32
CA ASN A 357 -8.51 -1.37 -14.05
C ASN A 357 -7.33 -2.13 -13.46
N GLY A 358 -7.40 -2.52 -12.20
CA GLY A 358 -6.32 -3.20 -11.51
C GLY A 358 -6.58 -4.69 -11.40
N TYR A 359 -5.51 -5.43 -11.14
CA TYR A 359 -5.55 -6.88 -11.06
C TYR A 359 -5.33 -7.32 -9.61
N THR A 360 -4.98 -8.57 -9.34
CA THR A 360 -5.00 -9.05 -7.95
C THR A 360 -3.93 -8.38 -7.09
N SER A 361 -2.73 -8.21 -7.63
CA SER A 361 -1.65 -7.59 -6.89
C SER A 361 -1.86 -6.10 -6.71
N TYR A 362 -1.52 -5.62 -5.52
CA TYR A 362 -1.37 -4.19 -5.24
C TYR A 362 0.01 -3.93 -4.60
N ASP A 363 1.03 -4.67 -5.05
CA ASP A 363 2.41 -4.48 -4.59
C ASP A 363 2.76 -3.01 -4.62
N TYR A 364 2.39 -2.37 -5.73
CA TYR A 364 2.54 -0.95 -5.92
C TYR A 364 4.00 -0.47 -6.16
N GLY A 365 4.95 -1.40 -6.22
CA GLY A 365 6.37 -1.06 -6.24
C GLY A 365 6.82 -0.36 -4.96
N SER A 366 6.11 -0.60 -3.84
CA SER A 366 6.35 0.11 -2.60
C SER A 366 7.59 -0.43 -1.88
N ALA A 367 8.06 0.28 -0.84
CA ALA A 367 9.29 -0.09 -0.13
C ALA A 367 9.19 -1.45 0.59
N VAL A 368 8.00 -1.77 1.08
CA VAL A 368 7.66 -3.11 1.57
C VAL A 368 6.86 -3.82 0.46
N THR A 369 7.30 -5.02 0.05
CA THR A 369 6.65 -5.73 -1.06
C THR A 369 5.33 -6.36 -0.64
N GLU A 370 4.54 -6.76 -1.62
CA GLU A 370 3.26 -7.45 -1.40
C GLU A 370 3.42 -8.69 -0.54
N SER A 371 4.55 -9.40 -0.69
CA SER A 371 4.87 -10.55 0.16
C SER A 371 5.56 -10.18 1.49
N ARG A 372 5.58 -8.89 1.81
CA ARG A 372 6.12 -8.34 3.04
C ARG A 372 7.65 -8.29 3.16
N ASN A 373 8.36 -8.44 2.33
CA ASN A 373 9.80 -8.36 2.37
C ASN A 373 10.32 -6.96 2.15
N ILE A 374 11.46 -6.82 2.70
CA ILE A 374 12.09 -5.50 2.66
C ILE A 374 13.48 -5.60 1.98
N THR A 375 13.55 -6.34 0.88
CA THR A 375 14.81 -6.48 0.14
C THR A 375 15.13 -5.33 -0.80
N ARG A 376 14.11 -4.59 -1.26
CA ARG A 376 14.34 -3.54 -2.24
C ARG A 376 15.21 -2.44 -1.62
N GLU A 377 16.19 -1.97 -2.41
CA GLU A 377 17.13 -0.94 -1.97
C GLU A 377 16.42 0.33 -1.54
N LYS A 378 15.27 0.62 -2.16
CA LYS A 378 14.46 1.76 -1.78
C LYS A 378 14.03 1.76 -0.28
N TYR A 379 13.85 0.58 0.31
CA TYR A 379 13.59 0.48 1.75
C TYR A 379 14.77 1.04 2.57
N SER A 380 15.98 0.55 2.27
CA SER A 380 17.18 0.93 3.02
C SER A 380 17.51 2.40 2.86
N GLU A 381 17.32 2.91 1.65
CA GLU A 381 17.56 4.33 1.33
C GLU A 381 16.59 5.24 2.10
N LEU A 382 15.31 4.85 2.09
CA LEU A 382 14.28 5.55 2.86
C LEU A 382 14.59 5.50 4.36
N LYS A 383 15.12 4.38 4.85
CA LYS A 383 15.54 4.29 6.26
C LYS A 383 16.55 5.38 6.65
N LEU A 384 17.47 5.69 5.74
CA LEU A 384 18.48 6.73 6.01
C LEU A 384 17.87 8.14 6.19
N LEU A 385 16.86 8.46 5.39
CA LEU A 385 16.21 9.77 5.45
C LEU A 385 15.27 9.88 6.65
N GLY A 386 14.50 8.83 6.92
CA GLY A 386 13.60 8.80 8.08
C GLY A 386 14.32 8.92 9.42
N ASN A 387 15.47 8.27 9.53
CA ASN A 387 16.29 8.35 10.74
C ASN A 387 16.96 9.70 10.94
N PHE A 388 17.39 10.32 9.84
CA PHE A 388 17.88 11.69 9.87
C PHE A 388 16.83 12.67 10.41
N ALA A 389 15.62 12.64 9.84
CA ALA A 389 14.51 13.49 10.31
C ALA A 389 14.10 13.25 11.76
N LYS A 390 14.27 12.01 12.23
CA LYS A 390 13.84 11.61 13.57
C LYS A 390 14.67 12.29 14.69
N VAL A 391 15.92 12.63 14.39
CA VAL A 391 16.86 13.20 15.36
C VAL A 391 17.27 14.65 15.06
N SER A 392 16.55 15.34 14.17
CA SER A 392 16.97 16.67 13.71
C SER A 392 15.88 17.72 13.93
N PRO A 393 15.65 18.13 15.19
CA PRO A 393 14.56 19.10 15.49
C PRO A 393 14.78 20.51 14.94
N GLY A 394 16.04 20.87 14.66
CA GLY A 394 16.39 22.15 14.05
C GLY A 394 15.89 22.30 12.62
N TYR A 395 15.69 21.18 11.92
CA TYR A 395 15.03 21.19 10.61
C TYR A 395 13.65 21.91 10.67
N LEU A 396 12.87 21.63 11.72
CA LEU A 396 11.52 22.23 11.85
C LEU A 396 11.51 23.72 12.15
N THR A 397 12.54 24.22 12.83
CA THR A 397 12.65 25.63 13.24
C THR A 397 13.39 26.52 12.25
N ALA A 398 14.08 25.95 11.25
CA ALA A 398 14.84 26.76 10.29
C ALA A 398 13.92 27.62 9.43
N SER A 399 14.53 28.54 8.67
CA SER A 399 13.81 29.46 7.77
C SER A 399 14.13 29.07 6.35
N PRO A 400 13.19 28.46 5.62
CA PRO A 400 13.45 28.07 4.24
C PRO A 400 13.54 29.26 3.27
N GLY A 401 14.53 29.24 2.38
CA GLY A 401 14.68 30.22 1.32
C GLY A 401 14.29 29.61 -0.02
N ASN A 402 14.52 30.36 -1.09
CA ASN A 402 14.27 29.88 -2.45
C ASN A 402 15.51 29.16 -2.93
N LEU A 403 15.32 28.21 -3.84
CA LEU A 403 16.43 27.53 -4.47
C LEU A 403 17.31 28.50 -5.24
N THR A 404 18.58 28.15 -5.40
CA THR A 404 19.58 29.02 -6.01
C THR A 404 20.52 28.17 -6.86
N THR A 405 20.99 28.73 -7.96
CA THR A 405 22.07 28.15 -8.77
C THR A 405 23.40 28.90 -8.57
N SER A 406 23.44 29.84 -7.64
CA SER A 406 24.69 30.50 -7.24
C SER A 406 24.58 31.00 -5.81
N GLY A 407 25.71 31.30 -5.19
CA GLY A 407 25.75 31.78 -3.82
C GLY A 407 26.28 30.73 -2.86
N TYR A 408 25.70 29.53 -2.91
CA TYR A 408 26.14 28.41 -2.06
C TYR A 408 27.16 27.52 -2.77
N ALA A 409 26.82 26.98 -3.94
CA ALA A 409 27.75 26.12 -4.69
C ALA A 409 28.37 26.87 -5.88
N ASP A 410 29.61 26.51 -6.22
CA ASP A 410 30.40 27.23 -7.24
C ASP A 410 30.13 26.78 -8.68
N THR A 411 28.95 26.23 -8.94
CA THR A 411 28.53 25.91 -10.31
C THR A 411 27.01 25.96 -10.44
N THR A 412 26.55 26.51 -11.56
CA THR A 412 25.13 26.59 -11.88
C THR A 412 24.55 25.23 -12.29
N ASP A 413 25.41 24.24 -12.54
CA ASP A 413 24.95 22.85 -12.72
C ASP A 413 24.31 22.25 -11.46
N LEU A 414 24.58 22.85 -10.29
CA LEU A 414 23.93 22.46 -9.05
C LEU A 414 22.94 23.49 -8.54
N THR A 415 21.88 22.98 -7.92
CA THR A 415 20.88 23.77 -7.23
C THR A 415 21.08 23.52 -5.74
N VAL A 416 20.98 24.58 -4.94
CA VAL A 416 21.03 24.49 -3.48
C VAL A 416 19.85 25.25 -2.88
N THR A 417 19.06 24.55 -2.08
CA THR A 417 17.99 25.18 -1.32
C THR A 417 18.41 25.25 0.14
N PRO A 418 18.59 26.49 0.68
CA PRO A 418 18.95 26.65 2.06
C PRO A 418 17.72 26.69 2.99
N LEU A 419 17.87 26.10 4.19
CA LEU A 419 16.97 26.32 5.31
C LEU A 419 17.85 26.86 6.42
N LEU A 420 17.77 28.15 6.68
CA LEU A 420 18.72 28.82 7.54
C LEU A 420 18.13 29.00 8.93
N GLY A 421 18.89 28.66 9.97
CA GLY A 421 18.44 28.80 11.36
C GLY A 421 19.35 29.73 12.14
N ASN A 422 18.77 30.45 13.11
CA ASN A 422 19.50 31.42 13.92
C ASN A 422 20.07 30.64 15.11
N SER A 423 21.18 29.94 14.90
CA SER A 423 21.87 29.12 15.93
C SER A 423 21.25 27.73 16.25
N THR A 424 20.07 27.41 15.73
CA THR A 424 19.52 26.05 15.82
C THR A 424 20.00 25.15 14.66
N GLY A 425 20.86 25.68 13.78
CA GLY A 425 21.45 24.92 12.69
C GLY A 425 20.76 25.17 11.36
N SER A 426 21.51 24.96 10.28
CA SER A 426 21.01 25.12 8.93
C SER A 426 21.17 23.85 8.12
N PHE A 427 20.49 23.82 6.98
CA PHE A 427 20.36 22.62 6.14
C PHE A 427 20.38 23.09 4.69
N PHE A 428 21.20 22.44 3.87
CA PHE A 428 21.38 22.82 2.47
C PHE A 428 21.11 21.61 1.58
N VAL A 429 20.05 21.69 0.78
CA VAL A 429 19.60 20.58 -0.06
C VAL A 429 20.20 20.76 -1.44
N VAL A 430 21.22 19.95 -1.76
CA VAL A 430 21.95 20.04 -3.02
C VAL A 430 21.47 18.97 -4.01
N ARG A 431 21.21 19.38 -5.24
CA ARG A 431 20.87 18.47 -6.33
C ARG A 431 21.35 19.06 -7.65
N HIS A 432 21.32 18.25 -8.70
CA HIS A 432 21.53 18.76 -10.06
C HIS A 432 20.40 19.71 -10.42
N SER A 433 20.76 20.80 -11.10
CA SER A 433 19.77 21.79 -11.58
C SER A 433 18.86 21.11 -12.59
N ASP A 434 19.47 20.44 -13.57
CA ASP A 434 18.77 19.46 -14.39
C ASP A 434 18.61 18.22 -13.50
N TYR A 435 17.45 18.09 -12.89
CA TYR A 435 17.22 17.08 -11.86
C TYR A 435 17.40 15.63 -12.36
N SER A 436 17.18 15.39 -13.65
CA SER A 436 17.38 14.07 -14.25
C SER A 436 18.83 13.71 -14.58
N SER A 437 19.76 14.67 -14.48
CA SER A 437 21.15 14.45 -14.92
C SER A 437 21.81 13.27 -14.23
N GLU A 438 22.47 12.44 -15.03
CA GLU A 438 23.27 11.33 -14.54
C GLU A 438 24.77 11.66 -14.52
N GLU A 439 25.12 12.94 -14.69
CA GLU A 439 26.53 13.37 -14.69
C GLU A 439 27.13 13.37 -13.28
N SER A 440 28.45 13.33 -13.25
CA SER A 440 29.23 13.47 -12.02
C SER A 440 29.77 14.90 -11.98
N THR A 441 29.42 15.63 -10.92
CA THR A 441 29.69 17.05 -10.83
C THR A 441 30.50 17.38 -9.57
N SER A 442 31.66 18.00 -9.78
CA SER A 442 32.55 18.47 -8.71
C SER A 442 32.13 19.85 -8.26
N TYR A 443 32.30 20.14 -6.98
CA TYR A 443 31.92 21.45 -6.44
C TYR A 443 32.53 21.75 -5.08
N LYS A 444 32.44 23.02 -4.70
CA LYS A 444 32.78 23.51 -3.37
C LYS A 444 31.57 24.30 -2.87
N LEU A 445 31.49 24.53 -1.57
CA LEU A 445 30.40 25.31 -0.97
C LEU A 445 30.89 26.54 -0.22
N ARG A 446 30.09 27.61 -0.24
CA ARG A 446 30.20 28.68 0.75
C ARG A 446 28.97 28.60 1.64
N LEU A 447 29.17 28.27 2.91
CA LEU A 447 28.06 28.09 3.86
C LEU A 447 28.26 28.98 5.06
N PRO A 448 27.19 29.69 5.50
CA PRO A 448 27.32 30.49 6.71
C PRO A 448 27.25 29.58 7.93
N THR A 449 28.19 29.75 8.86
CA THR A 449 28.18 29.02 10.13
C THR A 449 28.34 30.02 11.28
N SER A 450 28.24 29.51 12.51
CA SER A 450 28.46 30.31 13.72
C SER A 450 29.92 30.77 13.81
N ALA A 451 30.85 29.98 13.24
CA ALA A 451 32.27 30.31 13.20
C ALA A 451 32.69 30.95 11.87
N GLY A 452 31.87 31.85 11.34
CA GLY A 452 32.12 32.50 10.06
C GLY A 452 31.60 31.73 8.86
N SER A 453 31.65 32.37 7.70
CA SER A 453 31.27 31.76 6.44
C SER A 453 32.52 31.08 5.89
N VAL A 454 32.36 29.83 5.47
CA VAL A 454 33.51 28.96 5.17
C VAL A 454 33.38 28.35 3.78
N THR A 455 34.50 28.36 3.06
CA THR A 455 34.61 27.68 1.77
C THR A 455 35.00 26.23 2.05
N ILE A 456 34.15 25.29 1.64
CA ILE A 456 34.34 23.85 1.89
C ILE A 456 34.59 23.13 0.55
N PRO A 457 35.59 22.23 0.46
CA PRO A 457 36.48 21.79 1.56
C PRO A 457 37.64 22.74 1.86
N GLN A 458 37.88 23.01 3.14
CA GLN A 458 39.02 23.83 3.59
C GLN A 458 40.38 23.16 3.38
N LEU A 459 40.44 21.83 3.52
CA LEU A 459 41.70 21.08 3.52
C LEU A 459 42.12 20.48 2.16
N GLY A 460 41.64 21.06 1.06
CA GLY A 460 41.96 20.59 -0.29
C GLY A 460 40.92 19.65 -0.87
N GLY A 461 40.97 19.48 -2.19
CA GLY A 461 40.02 18.67 -2.93
C GLY A 461 38.66 19.32 -3.12
N THR A 462 37.74 18.55 -3.71
CA THR A 462 36.37 18.99 -4.02
C THR A 462 35.34 17.96 -3.53
N LEU A 463 34.09 18.42 -3.41
CA LEU A 463 32.96 17.53 -3.12
C LEU A 463 32.46 17.05 -4.46
N THR A 464 31.68 15.98 -4.46
CA THR A 464 31.14 15.39 -5.68
C THR A 464 29.66 15.03 -5.49
N LEU A 465 28.86 15.30 -6.51
CA LEU A 465 27.51 14.78 -6.62
C LEU A 465 27.43 13.87 -7.85
N ASN A 466 27.19 12.58 -7.60
CA ASN A 466 27.15 11.53 -8.62
C ASN A 466 25.73 11.26 -9.11
N GLY A 467 25.42 11.78 -10.30
CA GLY A 467 24.16 11.51 -10.99
C GLY A 467 22.90 11.85 -10.22
N ARG A 468 21.94 10.92 -10.22
CA ARG A 468 20.63 11.11 -9.62
C ARG A 468 20.70 10.89 -8.11
N ASP A 469 21.25 11.90 -7.44
CA ASP A 469 21.49 11.89 -6.00
C ASP A 469 21.28 13.30 -5.48
N SER A 470 20.93 13.39 -4.21
CA SER A 470 20.77 14.65 -3.52
C SER A 470 21.33 14.48 -2.12
N LYS A 471 21.92 15.56 -1.60
CA LYS A 471 22.57 15.55 -0.31
C LYS A 471 21.88 16.59 0.56
N ILE A 472 21.73 16.30 1.85
CA ILE A 472 21.39 17.35 2.82
C ILE A 472 22.65 17.64 3.63
N HIS A 473 23.36 18.72 3.28
CA HIS A 473 24.51 19.17 4.05
C HIS A 473 23.98 19.95 5.24
N VAL A 474 24.73 19.93 6.36
CA VAL A 474 24.31 20.63 7.60
C VAL A 474 25.39 21.54 8.17
N THR A 475 24.95 22.58 8.88
CA THR A 475 25.81 23.48 9.63
C THR A 475 25.23 23.75 11.02
N ASP A 476 26.14 23.97 11.99
CA ASP A 476 25.78 24.18 13.39
C ASP A 476 24.75 23.16 13.87
N TYR A 477 25.10 21.89 13.70
CA TYR A 477 24.20 20.78 13.97
C TYR A 477 24.43 20.27 15.40
N ASN A 478 23.39 20.33 16.22
CA ASN A 478 23.47 20.06 17.66
C ASN A 478 23.40 18.57 17.94
N VAL A 479 24.51 18.00 18.41
CA VAL A 479 24.58 16.63 18.89
C VAL A 479 24.65 16.70 20.42
N SER A 480 23.49 16.87 21.05
CA SER A 480 23.33 17.00 22.50
C SER A 480 24.43 17.87 23.17
N GLY A 481 24.48 19.13 22.76
CA GLY A 481 25.43 20.09 23.31
C GLY A 481 26.72 20.25 22.51
N THR A 482 27.13 19.19 21.80
CA THR A 482 28.28 19.28 20.92
C THR A 482 27.80 19.84 19.59
N ASN A 483 28.54 20.84 19.09
CA ASN A 483 28.18 21.55 17.88
C ASN A 483 29.04 21.06 16.71
N ILE A 484 28.37 20.54 15.69
CA ILE A 484 29.02 20.25 14.43
C ILE A 484 28.88 21.49 13.57
N ILE A 485 30.00 22.19 13.39
CA ILE A 485 30.05 23.44 12.63
C ILE A 485 29.57 23.20 11.20
N TYR A 486 30.07 22.15 10.57
CA TYR A 486 29.47 21.66 9.33
C TYR A 486 29.83 20.20 9.08
N SER A 487 28.97 19.53 8.31
CA SER A 487 29.30 18.25 7.71
C SER A 487 28.68 18.14 6.32
N THR A 488 29.52 17.85 5.33
CA THR A 488 29.06 17.63 3.98
C THR A 488 28.45 16.25 3.85
N ALA A 489 28.95 15.29 4.64
CA ALA A 489 28.37 13.96 4.69
C ALA A 489 27.04 14.02 5.43
N GLU A 490 26.14 13.14 5.04
CA GLU A 490 24.79 13.18 5.55
C GLU A 490 24.73 12.48 6.88
N VAL A 491 23.90 13.01 7.76
CA VAL A 491 23.72 12.44 9.08
C VAL A 491 22.72 11.29 8.95
N PHE A 492 23.09 10.11 9.44
CA PHE A 492 22.16 8.99 9.61
C PHE A 492 21.43 9.11 10.95
N THR A 493 22.20 9.17 12.03
CA THR A 493 21.65 9.34 13.37
C THR A 493 22.75 9.82 14.33
N TRP A 494 22.34 10.16 15.54
CA TRP A 494 23.27 10.43 16.63
C TRP A 494 22.58 10.11 17.93
N LYS A 495 23.36 9.70 18.94
CA LYS A 495 22.84 9.46 20.27
C LYS A 495 23.81 9.92 21.35
N LYS A 496 23.25 10.30 22.51
CA LYS A 496 24.00 10.52 23.73
C LYS A 496 23.81 9.31 24.63
N PHE A 497 24.91 8.64 24.95
CA PHE A 497 24.93 7.51 25.85
C PHE A 497 25.60 7.93 27.16
N ALA A 498 25.60 7.04 28.13
CA ALA A 498 26.29 7.26 29.40
C ALA A 498 27.80 7.49 29.19
N ASP A 499 28.42 6.70 28.30
CA ASP A 499 29.86 6.80 28.03
C ASP A 499 30.20 7.57 26.74
N GLY A 500 29.49 8.68 26.49
CA GLY A 500 29.80 9.59 25.39
C GLY A 500 28.76 9.62 24.28
N LYS A 501 29.05 10.44 23.28
CA LYS A 501 28.16 10.66 22.15
C LYS A 501 28.64 9.90 20.91
N VAL A 502 27.68 9.52 20.06
CA VAL A 502 27.97 8.85 18.81
C VAL A 502 27.19 9.49 17.68
N LEU A 503 27.89 9.75 16.57
CA LEU A 503 27.33 10.35 15.38
C LEU A 503 27.67 9.42 14.22
N VAL A 504 26.67 9.14 13.37
CA VAL A 504 26.84 8.29 12.21
C VAL A 504 26.64 9.11 10.95
N LEU A 505 27.68 9.16 10.12
CA LEU A 505 27.67 9.90 8.85
C LEU A 505 27.98 8.95 7.71
N TYR A 506 27.43 9.24 6.54
CA TYR A 506 27.67 8.45 5.33
C TYR A 506 27.75 9.31 4.09
N GLY A 507 28.51 8.82 3.12
CA GLY A 507 28.51 9.34 1.76
C GLY A 507 28.56 8.19 0.78
N GLY A 508 28.30 8.50 -0.49
CA GLY A 508 28.36 7.50 -1.54
C GLY A 508 29.79 7.23 -1.98
N ALA A 509 29.93 6.19 -2.79
CA ALA A 509 31.24 5.74 -3.26
C ALA A 509 31.97 6.83 -4.06
N GLY A 510 33.28 6.95 -3.83
CA GLY A 510 34.14 7.87 -4.60
C GLY A 510 34.15 9.32 -4.14
N GLU A 511 33.38 9.63 -3.10
CA GLU A 511 33.21 11.01 -2.63
C GLU A 511 34.22 11.38 -1.55
N HIS A 512 34.68 12.63 -1.60
CA HIS A 512 35.46 13.23 -0.54
C HIS A 512 34.53 14.08 0.32
N HIS A 513 34.70 14.02 1.62
CA HIS A 513 33.87 14.79 2.54
C HIS A 513 34.70 15.49 3.58
N GLU A 514 34.07 16.44 4.24
CA GLU A 514 34.70 17.22 5.29
C GLU A 514 33.71 17.56 6.38
N LEU A 515 34.20 17.61 7.61
CA LEU A 515 33.42 18.08 8.73
C LEU A 515 34.28 18.95 9.63
N ALA A 516 33.60 19.64 10.54
CA ALA A 516 34.24 20.47 11.54
C ALA A 516 33.38 20.51 12.80
N ILE A 517 34.06 20.51 13.95
CA ILE A 517 33.41 20.40 15.26
C ILE A 517 33.94 21.50 16.20
N SER A 518 33.04 22.14 16.95
CA SER A 518 33.41 23.12 17.98
C SER A 518 34.00 22.38 19.17
N THR A 519 35.32 22.50 19.35
CA THR A 519 36.02 21.73 20.37
C THR A 519 37.41 22.28 20.71
N LYS A 520 37.87 21.97 21.92
CA LYS A 520 39.27 22.09 22.31
C LYS A 520 40.04 20.78 22.03
N SER A 521 39.32 19.65 21.92
CA SER A 521 39.93 18.33 21.79
C SER A 521 40.57 18.09 20.43
N ASN A 522 41.39 17.05 20.38
CA ASN A 522 42.04 16.63 19.15
C ASN A 522 41.24 15.49 18.51
N VAL A 523 41.45 15.28 17.21
CA VAL A 523 40.89 14.11 16.51
C VAL A 523 41.90 12.96 16.52
N THR A 524 41.41 11.74 16.78
CA THR A 524 42.20 10.52 16.55
C THR A 524 41.33 9.41 15.95
N VAL A 525 41.96 8.62 15.08
CA VAL A 525 41.33 7.51 14.41
C VAL A 525 41.37 6.27 15.32
N ILE A 526 40.21 5.85 15.83
CA ILE A 526 40.12 4.70 16.76
C ILE A 526 39.72 3.37 16.08
N GLU A 527 39.26 3.42 14.83
CA GLU A 527 39.07 2.20 14.03
C GLU A 527 39.36 2.48 12.56
N GLY A 528 40.01 1.53 11.91
CA GLY A 528 40.37 1.65 10.50
C GLY A 528 41.64 2.46 10.30
N SER A 529 42.06 2.56 9.05
CA SER A 529 43.35 3.14 8.70
C SER A 529 43.39 4.66 8.88
N GLU A 530 44.57 5.15 9.28
CA GLU A 530 44.86 6.60 9.34
C GLU A 530 44.88 7.21 7.94
N SER A 531 45.35 6.44 6.96
CA SER A 531 45.45 6.87 5.55
C SER A 531 44.12 7.36 4.98
N GLY A 532 44.19 8.45 4.22
CA GLY A 532 43.00 9.08 3.63
C GLY A 532 42.26 10.06 4.52
N ILE A 533 42.59 10.10 5.82
CA ILE A 533 42.00 11.04 6.77
C ILE A 533 42.99 12.16 7.02
N SER A 534 42.63 13.37 6.59
CA SER A 534 43.38 14.59 6.88
C SER A 534 42.63 15.37 7.96
N SER A 535 43.39 16.14 8.73
CA SER A 535 42.84 16.95 9.81
C SER A 535 43.64 18.23 10.03
N LYS A 536 43.02 19.16 10.76
CA LYS A 536 43.67 20.41 11.14
C LYS A 536 42.93 20.95 12.36
N GLN A 537 43.69 21.36 13.38
CA GLN A 537 43.11 21.89 14.61
C GLN A 537 43.39 23.38 14.71
N THR A 538 42.35 24.16 15.02
CA THR A 538 42.48 25.60 15.30
C THR A 538 42.23 25.81 16.81
N SER A 539 42.04 27.06 17.22
CA SER A 539 41.86 27.41 18.64
C SER A 539 40.53 26.92 19.24
N SER A 540 39.46 26.91 18.44
CA SER A 540 38.15 26.48 18.93
C SER A 540 37.48 25.42 18.05
N SER A 541 38.27 24.75 17.19
CA SER A 541 37.70 23.75 16.30
C SER A 541 38.72 22.75 15.76
N VAL A 542 38.18 21.71 15.14
CA VAL A 542 38.97 20.74 14.39
C VAL A 542 38.24 20.46 13.09
N VAL A 543 38.99 20.41 12.00
CA VAL A 543 38.50 20.13 10.67
C VAL A 543 39.01 18.73 10.33
N VAL A 544 38.20 17.95 9.62
CA VAL A 544 38.55 16.57 9.25
C VAL A 544 38.03 16.26 7.84
N GLY A 545 38.95 15.95 6.93
CA GLY A 545 38.59 15.50 5.58
C GLY A 545 38.73 13.99 5.46
N TRP A 546 37.81 13.35 4.74
CA TRP A 546 37.85 11.90 4.53
C TRP A 546 37.25 11.51 3.20
N ASP A 547 37.80 10.43 2.63
CA ASP A 547 37.28 9.79 1.43
C ASP A 547 36.36 8.66 1.87
N VAL A 548 35.27 8.46 1.13
CA VAL A 548 34.35 7.35 1.42
C VAL A 548 35.02 6.02 1.05
N SER A 549 34.95 5.06 1.97
CA SER A 549 35.46 3.71 1.76
C SER A 549 34.46 2.66 2.24
N THR A 550 34.53 1.49 1.63
CA THR A 550 33.73 0.33 2.05
C THR A 550 34.11 -0.10 3.48
N THR A 551 35.35 0.14 3.87
CA THR A 551 35.81 -0.06 5.25
C THR A 551 35.39 1.12 6.12
N ARG A 552 34.66 0.83 7.20
CA ARG A 552 34.30 1.86 8.17
C ARG A 552 35.52 2.46 8.86
N ARG A 553 35.51 3.79 9.05
CA ARG A 553 36.39 4.43 10.00
C ARG A 553 35.58 4.93 11.18
N ILE A 554 36.20 4.97 12.35
CA ILE A 554 35.64 5.65 13.53
C ILE A 554 36.69 6.62 14.06
N ILE A 555 36.35 7.91 14.10
CA ILE A 555 37.20 8.92 14.70
C ILE A 555 36.62 9.31 16.05
N GLN A 556 37.49 9.82 16.92
CA GLN A 556 37.09 10.31 18.22
C GLN A 556 37.58 11.75 18.41
N VAL A 557 36.66 12.59 18.86
CA VAL A 557 36.91 14.00 19.08
C VAL A 557 36.28 14.36 20.40
N GLY A 558 37.10 14.41 21.46
CA GLY A 558 36.60 14.60 22.82
C GLY A 558 35.69 13.46 23.25
N ASP A 559 34.52 13.79 23.79
CA ASP A 559 33.50 12.77 24.17
C ASP A 559 32.54 12.35 23.02
N LEU A 560 32.93 12.61 21.77
CA LEU A 560 32.15 12.27 20.59
C LEU A 560 32.93 11.29 19.74
N LYS A 561 32.32 10.12 19.47
CA LYS A 561 32.80 9.21 18.43
C LYS A 561 31.96 9.42 17.19
N ILE A 562 32.61 9.38 16.03
CA ILE A 562 31.92 9.57 14.75
C ILE A 562 32.22 8.43 13.82
N LEU A 563 31.19 7.72 13.38
CA LEU A 563 31.31 6.67 12.37
C LEU A 563 31.28 7.26 10.96
N LEU A 564 32.28 6.93 10.16
CA LEU A 564 32.40 7.36 8.77
C LEU A 564 32.18 6.17 7.84
N LEU A 565 31.03 6.14 7.16
CA LEU A 565 30.54 4.98 6.44
C LEU A 565 30.28 5.29 4.97
N ASP A 566 30.41 4.29 4.11
CA ASP A 566 29.75 4.36 2.81
C ASP A 566 28.22 4.13 2.97
N ARG A 567 27.45 4.57 1.97
CA ARG A 567 26.00 4.42 1.94
C ARG A 567 25.58 2.95 2.13
N ASN A 568 26.22 2.06 1.38
CA ASN A 568 25.87 0.63 1.44
C ASN A 568 26.10 -0.02 2.80
N SER A 569 27.10 0.42 3.56
CA SER A 569 27.25 -0.06 4.94
C SER A 569 26.16 0.55 5.81
N ALA A 570 25.87 1.85 5.63
CA ALA A 570 24.80 2.52 6.38
C ALA A 570 23.42 1.83 6.22
N TYR A 571 23.18 1.22 5.06
CA TYR A 571 21.97 0.42 4.83
C TYR A 571 21.71 -0.66 5.86
N ASN A 572 22.75 -1.18 6.49
CA ASN A 572 22.66 -2.25 7.50
C ASN A 572 22.58 -1.78 8.96
N TYR A 573 22.47 -0.46 9.20
CA TYR A 573 22.31 0.06 10.56
C TYR A 573 20.85 0.34 10.86
N TRP A 574 20.53 0.29 12.15
CA TRP A 574 19.19 0.37 12.66
C TRP A 574 19.27 1.12 13.98
N VAL A 575 18.19 1.80 14.32
CA VAL A 575 18.17 2.66 15.49
C VAL A 575 16.89 2.40 16.29
N PRO A 576 16.77 1.18 16.84
CA PRO A 576 15.55 0.88 17.61
C PRO A 576 15.52 1.62 18.94
N GLN A 577 14.31 2.00 19.35
CA GLN A 577 14.09 2.63 20.63
C GLN A 577 14.37 1.60 21.72
N LEU A 578 14.94 2.04 22.84
CA LEU A 578 15.34 1.14 23.92
C LEU A 578 14.34 1.25 25.05
N ALA A 579 13.43 0.29 25.14
CA ALA A 579 12.43 0.25 26.19
C ALA A 579 13.08 -0.20 27.51
N THR A 580 12.73 0.50 28.59
CA THR A 580 13.11 0.12 29.97
C THR A 580 11.90 -0.22 30.87
N ASP A 581 10.69 0.17 30.45
CA ASP A 581 9.46 -0.05 31.24
C ASP A 581 8.63 -1.25 30.79
N GLY A 582 9.20 -2.06 29.89
CA GLY A 582 8.50 -3.17 29.25
C GLY A 582 9.22 -3.57 27.97
N THR A 583 8.48 -4.17 27.03
CA THR A 583 9.06 -4.69 25.77
C THR A 583 8.74 -3.83 24.51
N SER A 584 7.73 -2.98 24.60
CA SER A 584 7.27 -2.16 23.46
C SER A 584 8.11 -0.89 23.34
N PRO A 585 8.42 -0.48 22.09
CA PRO A 585 9.23 0.74 21.94
C PRO A 585 8.53 2.04 22.39
N GLY A 586 7.19 2.05 22.36
CA GLY A 586 6.42 3.28 22.61
C GLY A 586 6.51 4.21 21.41
N PHE A 587 5.78 5.31 21.46
CA PHE A 587 5.73 6.29 20.37
C PHE A 587 7.05 7.05 20.24
N SER A 588 7.23 7.76 19.13
CA SER A 588 8.44 8.55 18.92
C SER A 588 8.33 9.90 19.63
N THR A 589 8.51 9.88 20.96
CA THR A 589 8.53 11.10 21.79
C THR A 589 9.99 11.48 22.01
N PRO A 590 10.25 12.77 22.35
CA PRO A 590 11.64 13.20 22.54
C PRO A 590 12.47 12.31 23.49
N GLU A 591 11.85 11.87 24.58
CA GLU A 591 12.52 11.04 25.59
C GLU A 591 12.91 9.68 25.02
N LYS A 592 11.93 8.97 24.46
CA LYS A 592 12.14 7.61 23.95
C LYS A 592 12.98 7.60 22.67
N VAL A 593 12.93 8.70 21.91
CA VAL A 593 13.84 8.89 20.77
C VAL A 593 15.28 8.95 21.24
N ALA A 594 15.53 9.77 22.27
CA ALA A 594 16.86 9.93 22.85
C ALA A 594 17.37 8.61 23.45
N SER A 595 16.45 7.86 24.07
CA SER A 595 16.71 6.51 24.59
C SER A 595 16.58 5.45 23.48
N SER A 596 17.54 5.46 22.55
CA SER A 596 17.57 4.51 21.44
C SER A 596 19.01 4.08 21.31
N ILE A 597 19.24 2.87 20.80
CA ILE A 597 20.60 2.36 20.59
C ILE A 597 20.83 2.19 19.10
N ILE A 598 22.10 2.08 18.73
CA ILE A 598 22.53 1.88 17.33
C ILE A 598 22.99 0.42 17.11
N VAL A 599 22.42 -0.23 16.08
CA VAL A 599 22.62 -1.67 15.85
C VAL A 599 22.93 -1.92 14.38
N LYS A 600 24.11 -2.46 14.11
CA LYS A 600 24.48 -2.94 12.77
C LYS A 600 24.04 -4.39 12.71
N ALA A 601 23.22 -4.73 11.73
CA ALA A 601 22.72 -6.08 11.59
C ALA A 601 22.58 -6.38 10.11
N GLY A 602 21.49 -7.05 9.71
CA GLY A 602 21.26 -7.37 8.32
C GLY A 602 19.85 -7.00 7.95
N TYR A 603 19.07 -8.01 7.64
CA TYR A 603 17.75 -7.86 7.06
C TYR A 603 16.85 -6.93 7.84
N LEU A 604 16.75 -7.12 9.16
CA LEU A 604 15.85 -6.28 9.98
C LEU A 604 16.20 -6.27 11.49
N VAL A 605 16.11 -5.10 12.11
CA VAL A 605 16.04 -5.00 13.58
C VAL A 605 14.71 -4.34 13.95
N ARG A 606 13.89 -5.08 14.69
CA ARG A 606 12.54 -4.69 15.03
C ARG A 606 12.51 -3.87 16.31
N THR A 607 13.06 -4.42 17.39
CA THR A 607 12.97 -3.78 18.70
C THR A 607 14.22 -4.05 19.54
N ALA A 608 14.31 -3.33 20.64
CA ALA A 608 15.32 -3.53 21.68
C ALA A 608 14.70 -3.20 23.02
N TYR A 609 15.08 -3.94 24.05
CA TYR A 609 14.74 -3.55 25.42
C TYR A 609 15.78 -4.03 26.42
N LEU A 610 15.85 -3.35 27.55
CA LEU A 610 16.77 -3.66 28.64
C LEU A 610 15.94 -4.20 29.78
N LYS A 611 16.37 -5.33 30.34
CA LYS A 611 15.69 -5.93 31.48
C LYS A 611 16.74 -6.52 32.43
N GLY A 612 16.94 -5.84 33.57
CA GLY A 612 18.03 -6.15 34.48
C GLY A 612 19.37 -6.06 33.77
N SER A 613 20.10 -7.16 33.78
CA SER A 613 21.41 -7.26 33.15
C SER A 613 21.36 -7.78 31.71
N GLY A 614 20.16 -7.91 31.15
CA GLY A 614 19.97 -8.41 29.79
C GLY A 614 19.56 -7.32 28.81
N LEU A 615 20.28 -7.24 27.69
CA LEU A 615 19.86 -6.46 26.53
C LEU A 615 19.21 -7.41 25.52
N TYR A 616 17.93 -7.16 25.23
CA TYR A 616 17.13 -8.04 24.36
C TYR A 616 16.83 -7.36 23.03
N LEU A 617 17.40 -7.87 21.95
CA LEU A 617 17.02 -7.46 20.59
C LEU A 617 15.97 -8.44 20.03
N THR A 618 15.00 -7.91 19.27
CA THR A 618 14.19 -8.72 18.37
C THR A 618 14.53 -8.30 16.94
N ALA A 619 14.77 -9.27 16.08
CA ALA A 619 15.30 -9.01 14.73
C ALA A 619 14.99 -10.16 13.79
N ASP A 620 15.07 -9.89 12.48
CA ASP A 620 14.91 -10.91 11.43
C ASP A 620 16.19 -11.06 10.59
N PHE A 621 16.45 -12.27 10.11
CA PHE A 621 17.68 -12.58 9.37
C PHE A 621 17.37 -13.39 8.12
N ASN A 622 17.95 -12.96 7.00
CA ASN A 622 17.86 -13.69 5.76
C ASN A 622 19.22 -14.27 5.31
N ALA A 623 20.17 -14.30 6.25
CA ALA A 623 21.50 -14.92 6.04
C ALA A 623 22.22 -14.82 7.39
N THR A 624 23.38 -15.47 7.47
CA THR A 624 24.20 -15.41 8.68
C THR A 624 24.76 -14.01 8.82
N THR A 625 24.61 -13.42 10.00
CA THR A 625 24.68 -11.98 10.16
C THR A 625 25.56 -11.59 11.34
N SER A 626 26.50 -10.68 11.07
CA SER A 626 27.29 -10.02 12.08
C SER A 626 26.43 -8.94 12.73
N VAL A 627 26.35 -8.95 14.05
CA VAL A 627 25.55 -7.98 14.79
C VAL A 627 26.46 -7.17 15.67
N GLU A 628 26.49 -5.85 15.48
CA GLU A 628 27.20 -4.95 16.37
C GLU A 628 26.20 -4.06 17.12
N VAL A 629 26.45 -3.82 18.40
CA VAL A 629 25.64 -2.91 19.19
C VAL A 629 26.52 -1.80 19.74
N ILE A 630 26.17 -0.55 19.40
CA ILE A 630 26.82 0.63 19.92
C ILE A 630 25.79 1.33 20.82
N GLY A 631 26.24 1.69 22.03
CA GLY A 631 25.39 2.32 23.03
C GLY A 631 24.79 1.38 24.05
N VAL A 632 25.49 0.28 24.32
CA VAL A 632 25.01 -0.74 25.25
C VAL A 632 25.02 -0.10 26.64
N PRO A 633 23.87 -0.13 27.35
CA PRO A 633 23.87 0.48 28.69
C PRO A 633 24.83 -0.26 29.62
N SER A 634 25.40 0.48 30.58
CA SER A 634 26.44 -0.05 31.46
C SER A 634 25.97 -1.16 32.41
N THR A 635 24.67 -1.22 32.70
CA THR A 635 24.10 -2.34 33.47
C THR A 635 23.99 -3.66 32.68
N ALA A 636 24.07 -3.60 31.35
CA ALA A 636 23.93 -4.81 30.51
C ALA A 636 25.16 -5.69 30.55
N LYS A 637 24.95 -6.95 30.95
CA LYS A 637 25.99 -8.00 30.97
C LYS A 637 25.84 -8.99 29.83
N ASN A 638 24.61 -9.29 29.42
CA ASN A 638 24.32 -10.37 28.45
C ASN A 638 23.50 -9.86 27.28
N LEU A 639 23.67 -10.51 26.13
CA LEU A 639 22.91 -10.23 24.93
C LEU A 639 21.93 -11.36 24.64
N PHE A 640 20.68 -10.98 24.37
CA PHE A 640 19.64 -11.92 23.93
C PHE A 640 19.12 -11.46 22.56
N ILE A 641 19.05 -12.40 21.62
CA ILE A 641 18.52 -12.17 20.27
C ILE A 641 17.35 -13.12 20.07
N ASN A 642 16.15 -12.55 19.88
CA ASN A 642 14.89 -13.30 19.78
C ASN A 642 14.71 -14.33 20.91
N GLY A 643 15.05 -13.92 22.13
CA GLY A 643 14.95 -14.76 23.33
C GLY A 643 16.17 -15.62 23.68
N ASP A 644 17.04 -15.89 22.70
CA ASP A 644 18.17 -16.81 22.88
C ASP A 644 19.41 -16.05 23.34
N LYS A 645 20.02 -16.53 24.44
CA LYS A 645 21.26 -15.95 24.96
C LYS A 645 22.35 -16.17 23.92
N THR A 646 23.01 -15.11 23.54
CA THR A 646 23.94 -15.15 22.43
C THR A 646 25.26 -14.63 22.96
N SER A 647 26.32 -15.41 22.73
CA SER A 647 27.65 -15.02 23.16
C SER A 647 28.09 -13.79 22.39
N HIS A 648 28.70 -12.84 23.09
CA HIS A 648 29.16 -11.60 22.48
C HIS A 648 30.58 -11.28 22.91
N THR A 649 31.22 -10.40 22.15
CA THR A 649 32.54 -9.87 22.50
C THR A 649 32.51 -8.34 22.44
N VAL A 650 33.21 -7.70 23.38
CA VAL A 650 33.35 -6.24 23.43
C VAL A 650 34.71 -5.90 22.82
N ASP A 651 34.75 -5.00 21.83
CA ASP A 651 36.02 -4.61 21.22
C ASP A 651 36.62 -3.43 21.98
N LYS A 652 37.75 -2.90 21.52
CA LYS A 652 38.45 -1.81 22.24
C LYS A 652 37.72 -0.45 22.26
N ASN A 653 36.72 -0.27 21.40
CA ASN A 653 35.84 0.90 21.44
C ASN A 653 34.49 0.67 22.15
N GLY A 654 34.36 -0.44 22.87
CA GLY A 654 33.14 -0.75 23.63
C GLY A 654 31.96 -1.30 22.83
N ILE A 655 32.20 -1.68 21.59
CA ILE A 655 31.14 -2.20 20.70
C ILE A 655 30.98 -3.70 20.95
N TRP A 656 29.75 -4.13 21.26
CA TRP A 656 29.45 -5.55 21.39
C TRP A 656 29.27 -6.15 20.02
N SER A 657 29.87 -7.31 19.81
CA SER A 657 29.78 -8.06 18.55
C SER A 657 29.28 -9.47 18.84
N ALA A 658 28.47 -9.99 17.92
CA ALA A 658 27.91 -11.33 18.06
C ALA A 658 27.48 -11.80 16.69
N THR A 659 27.43 -13.11 16.49
CA THR A 659 26.97 -13.70 15.24
C THR A 659 25.65 -14.45 15.45
N VAL A 660 24.76 -14.35 14.47
CA VAL A 660 23.48 -15.07 14.47
C VAL A 660 23.50 -16.00 13.27
N ASP A 661 23.39 -17.30 13.55
CA ASP A 661 23.52 -18.33 12.53
C ASP A 661 22.19 -18.49 11.78
N TYR A 662 22.28 -18.65 10.46
CA TYR A 662 21.13 -18.83 9.59
C TYR A 662 21.26 -20.20 8.95
N ASN A 663 20.33 -21.09 9.31
CA ASN A 663 20.28 -22.44 8.78
C ASN A 663 18.84 -22.83 8.59
N ALA A 664 18.36 -22.60 7.37
CA ALA A 664 16.98 -22.87 7.01
C ALA A 664 16.76 -24.37 6.97
N PRO A 665 15.67 -24.86 7.61
CA PRO A 665 15.38 -26.27 7.45
C PRO A 665 14.78 -26.55 6.09
N ASP A 666 14.56 -27.83 5.83
CA ASP A 666 13.85 -28.27 4.65
C ASP A 666 12.49 -27.58 4.60
N ILE A 667 12.24 -26.89 3.49
CA ILE A 667 10.94 -26.33 3.17
C ILE A 667 10.40 -27.27 2.10
N SER A 668 9.45 -28.13 2.49
CA SER A 668 8.88 -29.11 1.60
C SER A 668 7.44 -28.70 1.27
N LEU A 669 7.21 -28.44 -0.01
CA LEU A 669 5.93 -27.99 -0.52
C LEU A 669 5.32 -29.07 -1.40
N PRO A 670 4.01 -29.36 -1.22
CA PRO A 670 3.32 -30.29 -2.12
C PRO A 670 3.40 -29.90 -3.60
N SER A 671 3.46 -30.90 -4.46
CA SER A 671 3.25 -30.72 -5.89
C SER A 671 1.74 -30.66 -6.15
N LEU A 672 1.27 -29.51 -6.64
CA LEU A 672 -0.18 -29.25 -6.80
C LEU A 672 -0.80 -30.08 -7.92
N LYS A 673 -0.03 -30.35 -8.99
CA LYS A 673 -0.49 -31.25 -10.06
C LYS A 673 -0.80 -32.68 -9.60
N ASP A 674 -0.18 -33.14 -8.53
CA ASP A 674 -0.39 -34.49 -8.00
C ASP A 674 -1.40 -34.60 -6.86
N LEU A 675 -2.11 -33.52 -6.55
CA LEU A 675 -3.17 -33.59 -5.53
C LEU A 675 -4.35 -34.40 -6.04
N ASP A 676 -5.20 -34.83 -5.11
CA ASP A 676 -6.42 -35.56 -5.43
C ASP A 676 -7.50 -34.58 -5.90
N TRP A 677 -7.36 -34.10 -7.13
CA TRP A 677 -8.26 -33.07 -7.65
C TRP A 677 -9.64 -33.62 -7.97
N LYS A 678 -10.68 -32.93 -7.49
CA LYS A 678 -12.07 -33.29 -7.75
C LYS A 678 -12.76 -32.19 -8.56
N TYR A 679 -13.46 -32.61 -9.62
CA TYR A 679 -14.10 -31.69 -10.57
C TYR A 679 -15.63 -31.75 -10.48
N VAL A 680 -16.26 -30.59 -10.56
CA VAL A 680 -17.69 -30.49 -10.83
C VAL A 680 -17.88 -29.40 -11.89
N ASP A 681 -18.83 -29.62 -12.78
CA ASP A 681 -19.19 -28.63 -13.78
C ASP A 681 -19.90 -27.47 -13.05
N THR A 682 -19.35 -26.26 -13.14
CA THR A 682 -19.97 -25.11 -12.48
C THR A 682 -20.72 -24.21 -13.46
N LEU A 683 -21.09 -24.74 -14.62
CA LEU A 683 -22.06 -24.11 -15.49
C LEU A 683 -23.18 -25.11 -15.90
N PRO A 684 -23.86 -25.71 -14.90
CA PRO A 684 -25.01 -26.60 -15.16
C PRO A 684 -26.20 -25.92 -15.83
N GLU A 685 -26.19 -24.59 -15.87
CA GLU A 685 -27.21 -23.79 -16.54
C GLU A 685 -27.40 -24.11 -18.03
N ILE A 686 -26.33 -24.51 -18.72
CA ILE A 686 -26.41 -24.83 -20.15
C ILE A 686 -26.90 -26.27 -20.45
N GLN A 687 -27.06 -27.08 -19.42
CA GLN A 687 -27.77 -28.36 -19.60
C GLN A 687 -29.24 -28.03 -19.74
N SER A 688 -29.94 -28.78 -20.60
CA SER A 688 -31.36 -28.55 -20.86
C SER A 688 -32.27 -28.99 -19.69
N SER A 689 -31.74 -29.78 -18.77
CA SER A 689 -32.48 -30.13 -17.55
C SER A 689 -32.50 -29.03 -16.48
N TYR A 690 -31.71 -27.96 -16.65
CA TYR A 690 -31.53 -26.97 -15.60
C TYR A 690 -32.81 -26.20 -15.29
N ASP A 691 -33.14 -26.10 -14.01
CA ASP A 691 -34.35 -25.42 -13.53
C ASP A 691 -33.94 -24.12 -12.83
N ASP A 692 -34.27 -22.96 -13.44
CA ASP A 692 -33.95 -21.66 -12.85
C ASP A 692 -35.13 -20.96 -12.14
N SER A 693 -36.15 -21.71 -11.72
CA SER A 693 -37.36 -21.10 -11.15
C SER A 693 -37.10 -20.30 -9.87
N LEU A 694 -36.05 -20.64 -9.12
CA LEU A 694 -35.65 -19.89 -7.93
C LEU A 694 -34.77 -18.64 -8.20
N TRP A 695 -34.30 -18.43 -9.43
CA TRP A 695 -33.48 -17.24 -9.73
C TRP A 695 -34.30 -15.93 -9.63
N PRO A 696 -33.65 -14.81 -9.26
CA PRO A 696 -34.30 -13.51 -9.36
C PRO A 696 -34.69 -13.15 -10.82
N ALA A 697 -35.90 -12.62 -10.98
CA ALA A 697 -36.36 -12.18 -12.29
C ALA A 697 -35.85 -10.77 -12.52
N ALA A 698 -35.26 -10.53 -13.69
CA ALA A 698 -34.75 -9.21 -14.06
C ALA A 698 -35.89 -8.41 -14.70
N ASP A 699 -36.89 -8.09 -13.88
CA ASP A 699 -38.16 -7.56 -14.40
C ASP A 699 -38.48 -6.12 -13.97
N LEU A 700 -37.48 -5.37 -13.50
CA LEU A 700 -37.69 -3.99 -13.08
C LEU A 700 -37.82 -3.13 -14.32
N LYS A 701 -38.96 -2.45 -14.42
CA LYS A 701 -39.27 -1.62 -15.58
C LYS A 701 -38.54 -0.28 -15.54
N GLN A 702 -38.18 0.17 -14.34
CA GLN A 702 -37.54 1.46 -14.11
C GLN A 702 -36.24 1.19 -13.38
N THR A 703 -35.14 1.70 -13.91
CA THR A 703 -33.86 1.63 -13.23
C THR A 703 -33.80 2.68 -12.10
N LYS A 704 -33.19 2.32 -10.98
CA LYS A 704 -32.82 3.29 -9.93
C LYS A 704 -31.46 3.95 -10.19
N ASN A 705 -30.78 3.57 -11.27
CA ASN A 705 -29.52 4.19 -11.66
C ASN A 705 -29.80 5.53 -12.35
N THR A 706 -29.28 6.63 -11.81
CA THR A 706 -29.49 7.96 -12.39
C THR A 706 -28.50 8.33 -13.51
N LEU A 707 -27.44 7.53 -13.69
CA LEU A 707 -26.40 7.84 -14.69
C LEU A 707 -26.83 7.42 -16.10
N ARG A 708 -27.39 6.22 -16.24
CA ARG A 708 -27.73 5.67 -17.55
C ARG A 708 -29.16 5.12 -17.56
N SER A 709 -30.01 5.77 -18.35
CA SER A 709 -31.39 5.34 -18.50
C SER A 709 -31.46 4.08 -19.36
N LEU A 710 -32.52 3.31 -19.16
CA LEU A 710 -32.68 2.01 -19.81
C LEU A 710 -32.82 2.12 -21.32
N THR A 711 -32.07 1.27 -22.02
CA THR A 711 -32.22 1.05 -23.47
C THR A 711 -32.75 -0.37 -23.78
N THR A 712 -33.16 -1.11 -22.74
CA THR A 712 -33.79 -2.44 -22.85
C THR A 712 -35.17 -2.38 -22.14
N PRO A 713 -36.08 -3.32 -22.46
CA PRO A 713 -37.41 -3.29 -21.82
C PRO A 713 -37.39 -3.31 -20.28
N THR A 714 -36.49 -4.10 -19.69
CA THR A 714 -36.31 -4.14 -18.24
C THR A 714 -34.85 -3.86 -17.88
N SER A 715 -34.60 -3.54 -16.61
CA SER A 715 -33.25 -3.36 -16.15
C SER A 715 -32.49 -4.68 -16.15
N LEU A 716 -31.39 -4.71 -16.87
CA LEU A 716 -30.42 -5.80 -16.78
C LEU A 716 -29.13 -5.32 -16.10
N TYR A 717 -29.20 -4.22 -15.35
CA TYR A 717 -28.07 -3.72 -14.55
C TYR A 717 -28.00 -4.54 -13.28
N SER A 718 -26.85 -5.16 -13.01
CA SER A 718 -26.72 -6.09 -11.90
C SER A 718 -27.02 -5.44 -10.55
N SER A 719 -26.51 -4.23 -10.35
CA SER A 719 -26.67 -3.53 -9.07
C SER A 719 -28.11 -3.11 -8.72
N ASP A 720 -29.02 -3.01 -9.71
CA ASP A 720 -30.45 -2.80 -9.42
C ASP A 720 -31.06 -3.95 -8.61
N TYR A 721 -30.47 -5.14 -8.69
CA TYR A 721 -30.96 -6.34 -8.03
C TYR A 721 -30.08 -6.77 -6.85
N GLY A 722 -29.14 -5.93 -6.44
CA GLY A 722 -28.24 -6.23 -5.32
C GLY A 722 -26.97 -7.02 -5.62
N PHE A 723 -26.60 -7.13 -6.91
CA PHE A 723 -25.46 -7.97 -7.33
C PHE A 723 -24.29 -7.08 -7.81
N HIS A 724 -23.22 -6.99 -7.01
CA HIS A 724 -22.18 -5.98 -7.25
C HIS A 724 -20.77 -6.51 -7.58
N THR A 725 -20.60 -7.83 -7.60
CA THR A 725 -19.28 -8.44 -7.54
C THR A 725 -19.21 -9.83 -8.18
N GLY A 726 -18.02 -10.14 -8.72
CA GLY A 726 -17.71 -11.45 -9.27
C GLY A 726 -18.46 -11.72 -10.57
N TYR A 727 -18.49 -12.97 -10.99
CA TYR A 727 -19.17 -13.33 -12.23
C TYR A 727 -20.68 -13.17 -12.10
N LEU A 728 -21.29 -12.62 -13.13
CA LEU A 728 -22.73 -12.48 -13.25
C LEU A 728 -23.22 -13.44 -14.31
N LEU A 729 -24.40 -14.01 -14.06
CA LEU A 729 -25.09 -14.90 -15.00
C LEU A 729 -26.48 -14.36 -15.28
N TYR A 730 -26.86 -14.31 -16.56
CA TYR A 730 -28.21 -13.94 -16.99
C TYR A 730 -28.74 -15.07 -17.84
N ARG A 731 -30.04 -15.33 -17.70
CA ARG A 731 -30.75 -16.33 -18.49
C ARG A 731 -31.98 -15.70 -19.13
N GLY A 732 -32.01 -15.73 -20.47
CA GLY A 732 -33.03 -15.09 -21.29
C GLY A 732 -33.93 -16.13 -21.94
N HIS A 733 -35.14 -16.27 -21.41
CA HIS A 733 -36.14 -17.20 -21.89
C HIS A 733 -36.90 -16.59 -23.07
N PHE A 734 -37.15 -17.39 -24.11
CA PHE A 734 -38.02 -16.99 -25.22
C PHE A 734 -38.60 -18.21 -25.97
N THR A 735 -39.66 -17.96 -26.70
CA THR A 735 -40.30 -18.97 -27.53
C THR A 735 -39.90 -18.65 -28.94
N ALA A 736 -39.38 -19.64 -29.66
CA ALA A 736 -38.90 -19.41 -31.02
C ALA A 736 -40.08 -19.37 -32.00
N THR A 737 -40.02 -18.45 -32.96
CA THR A 737 -40.92 -18.45 -34.12
C THR A 737 -40.38 -19.33 -35.24
N GLY A 738 -39.07 -19.61 -35.21
CA GLY A 738 -38.41 -20.40 -36.24
C GLY A 738 -37.74 -19.57 -37.32
N ASN A 739 -37.91 -18.25 -37.27
CA ASN A 739 -37.27 -17.34 -38.21
C ASN A 739 -36.03 -16.60 -37.64
N GLU A 740 -35.56 -16.98 -36.46
CA GLU A 740 -34.49 -16.22 -35.80
C GLU A 740 -33.14 -16.50 -36.46
N SER A 741 -32.43 -15.42 -36.78
CA SER A 741 -31.13 -15.47 -37.46
C SER A 741 -29.99 -15.12 -36.50
N THR A 742 -30.02 -13.90 -35.96
CA THR A 742 -28.96 -13.40 -35.08
C THR A 742 -29.44 -12.89 -33.72
N PHE A 743 -28.52 -12.94 -32.75
CA PHE A 743 -28.69 -12.32 -31.45
C PHE A 743 -27.49 -11.43 -31.17
N ALA A 744 -27.76 -10.13 -31.06
CA ALA A 744 -26.74 -9.13 -30.74
C ALA A 744 -26.88 -8.76 -29.28
N ILE A 745 -25.76 -8.47 -28.63
CA ILE A 745 -25.79 -8.19 -27.19
C ILE A 745 -24.62 -7.30 -26.78
N ASP A 746 -24.92 -6.26 -26.00
CA ASP A 746 -23.94 -5.31 -25.45
C ASP A 746 -23.74 -5.63 -23.97
N THR A 747 -22.62 -6.27 -23.66
CA THR A 747 -22.27 -6.62 -22.29
C THR A 747 -21.27 -5.63 -21.74
N GLN A 748 -21.32 -5.39 -20.43
CA GLN A 748 -20.43 -4.45 -19.77
C GLN A 748 -19.96 -4.96 -18.40
N GLY A 749 -18.65 -5.15 -18.29
CA GLY A 749 -18.00 -5.61 -17.06
C GLY A 749 -16.84 -4.79 -16.53
N GLY A 750 -16.50 -3.67 -17.15
CA GLY A 750 -15.31 -2.91 -16.78
C GLY A 750 -14.11 -3.39 -17.58
N SER A 751 -13.04 -2.61 -17.57
CA SER A 751 -11.84 -2.86 -18.41
C SER A 751 -11.34 -4.28 -18.25
N ALA A 752 -11.04 -4.95 -19.38
CA ALA A 752 -10.53 -6.34 -19.40
C ALA A 752 -11.56 -7.44 -19.10
N PHE A 753 -12.85 -7.11 -19.01
CA PHE A 753 -13.89 -8.13 -18.78
C PHE A 753 -14.03 -9.04 -20.01
N GLY A 754 -14.61 -10.21 -19.79
CA GLY A 754 -15.01 -11.12 -20.84
C GLY A 754 -16.44 -11.56 -20.60
N SER A 755 -17.07 -12.02 -21.67
CA SER A 755 -18.40 -12.62 -21.60
C SER A 755 -18.50 -13.79 -22.57
N SER A 756 -19.33 -14.77 -22.23
CA SER A 756 -19.58 -15.93 -23.08
C SER A 756 -21.09 -16.11 -23.18
N VAL A 757 -21.56 -16.65 -24.31
CA VAL A 757 -22.99 -16.83 -24.56
C VAL A 757 -23.30 -18.20 -25.12
N TRP A 758 -24.34 -18.82 -24.57
CA TRP A 758 -24.86 -20.11 -25.03
C TRP A 758 -26.34 -19.99 -25.34
N LEU A 759 -26.81 -20.74 -26.35
CA LEU A 759 -28.21 -20.95 -26.57
C LEU A 759 -28.45 -22.40 -26.22
N ASN A 760 -29.31 -22.63 -25.22
CA ASN A 760 -29.41 -23.91 -24.53
C ASN A 760 -27.98 -24.46 -24.30
N GLY A 761 -27.61 -25.58 -24.90
CA GLY A 761 -26.27 -26.14 -24.77
C GLY A 761 -25.31 -25.69 -25.87
N THR A 762 -25.78 -24.94 -26.86
CA THR A 762 -24.97 -24.52 -28.00
C THR A 762 -24.19 -23.25 -27.69
N TYR A 763 -22.87 -23.42 -27.61
CA TYR A 763 -21.94 -22.31 -27.50
C TYR A 763 -22.04 -21.42 -28.72
N LEU A 764 -22.34 -20.14 -28.51
CA LEU A 764 -22.40 -19.14 -29.59
C LEU A 764 -21.07 -18.40 -29.79
N GLY A 765 -20.34 -18.14 -28.69
CA GLY A 765 -19.12 -17.34 -28.76
C GLY A 765 -18.81 -16.60 -27.46
N SER A 766 -17.65 -15.94 -27.47
CA SER A 766 -17.17 -15.17 -26.35
C SER A 766 -16.53 -13.88 -26.81
N TRP A 767 -16.68 -12.86 -25.98
CA TRP A 767 -15.79 -11.72 -25.99
C TRP A 767 -14.67 -12.07 -25.02
N THR A 768 -13.48 -12.30 -25.58
CA THR A 768 -12.30 -12.76 -24.84
C THR A 768 -11.65 -11.66 -24.01
N GLY A 769 -11.97 -10.41 -24.34
CA GLY A 769 -11.59 -9.25 -23.51
C GLY A 769 -10.37 -8.50 -24.00
N LEU A 770 -10.34 -7.21 -23.66
CA LEU A 770 -9.15 -6.40 -23.81
C LEU A 770 -9.20 -5.34 -22.74
N TYR A 771 -8.01 -4.93 -22.29
CA TYR A 771 -7.94 -3.84 -21.34
C TYR A 771 -8.67 -2.59 -21.88
N ALA A 772 -8.51 -2.30 -23.18
CA ALA A 772 -9.18 -1.15 -23.79
C ALA A 772 -10.73 -1.19 -23.78
N ASN A 773 -11.33 -2.38 -23.69
CA ASN A 773 -12.81 -2.51 -23.71
C ASN A 773 -13.40 -2.72 -22.32
N SER A 774 -14.25 -1.80 -21.89
CA SER A 774 -15.09 -2.01 -20.70
C SER A 774 -16.50 -2.49 -21.05
N ASP A 775 -16.87 -2.39 -22.32
CA ASP A 775 -18.06 -3.04 -22.85
C ASP A 775 -17.73 -3.57 -24.23
N TYR A 776 -18.63 -4.40 -24.76
CA TYR A 776 -18.48 -4.94 -26.10
C TYR A 776 -19.82 -5.30 -26.73
N ASN A 777 -19.94 -4.95 -28.01
CA ASN A 777 -21.10 -5.24 -28.83
C ASN A 777 -20.85 -6.46 -29.66
N ALA A 778 -21.42 -7.58 -29.22
CA ALA A 778 -21.26 -8.84 -29.91
C ALA A 778 -22.46 -9.10 -30.83
N THR A 779 -22.23 -9.83 -31.91
CA THR A 779 -23.32 -10.38 -32.73
C THR A 779 -23.05 -11.86 -32.95
N TYR A 780 -24.03 -12.68 -32.56
CA TYR A 780 -23.94 -14.13 -32.65
C TYR A 780 -24.97 -14.62 -33.65
N ASN A 781 -24.64 -15.72 -34.32
CA ASN A 781 -25.51 -16.35 -35.30
C ASN A 781 -26.15 -17.54 -34.62
N LEU A 782 -27.46 -17.61 -34.68
CA LEU A 782 -28.17 -18.68 -33.99
C LEU A 782 -28.27 -19.92 -34.88
N PRO A 783 -28.29 -21.12 -34.28
CA PRO A 783 -28.69 -22.26 -35.08
C PRO A 783 -30.16 -22.16 -35.50
N GLN A 784 -30.56 -23.09 -36.37
CA GLN A 784 -31.94 -23.18 -36.83
C GLN A 784 -32.81 -23.60 -35.64
N LEU A 785 -33.81 -22.78 -35.31
CA LEU A 785 -34.65 -23.03 -34.14
C LEU A 785 -35.99 -23.68 -34.48
N GLN A 786 -36.50 -24.44 -33.52
CA GLN A 786 -37.78 -25.13 -33.68
C GLN A 786 -38.88 -24.19 -33.23
N ALA A 787 -39.77 -23.83 -34.15
CA ALA A 787 -40.94 -22.97 -33.88
C ALA A 787 -41.81 -23.48 -32.73
N GLY A 788 -42.15 -22.60 -31.80
CA GLY A 788 -43.00 -22.98 -30.65
C GLY A 788 -42.25 -23.58 -29.48
N LYS A 789 -40.95 -23.90 -29.64
CA LYS A 789 -40.14 -24.42 -28.54
C LYS A 789 -39.50 -23.28 -27.77
N THR A 790 -39.28 -23.50 -26.49
CA THR A 790 -38.64 -22.53 -25.62
C THR A 790 -37.12 -22.70 -25.64
N TYR A 791 -36.40 -21.59 -25.66
CA TYR A 791 -34.96 -21.59 -25.61
C TYR A 791 -34.49 -20.60 -24.56
N VAL A 792 -33.28 -20.82 -24.05
CA VAL A 792 -32.70 -19.95 -23.04
C VAL A 792 -31.27 -19.59 -23.44
N ILE A 793 -31.05 -18.28 -23.50
CA ILE A 793 -29.75 -17.70 -23.73
C ILE A 793 -29.09 -17.51 -22.36
N THR A 794 -28.00 -18.23 -22.11
CA THR A 794 -27.20 -18.05 -20.89
C THR A 794 -26.02 -17.14 -21.24
N VAL A 795 -25.83 -16.11 -20.44
CA VAL A 795 -24.77 -15.14 -20.62
C VAL A 795 -24.01 -15.06 -19.31
N VAL A 796 -22.69 -15.30 -19.38
CA VAL A 796 -21.76 -15.18 -18.25
C VAL A 796 -20.90 -13.95 -18.52
N ILE A 797 -20.73 -13.11 -17.51
CA ILE A 797 -19.98 -11.84 -17.65
C ILE A 797 -19.08 -11.63 -16.45
N ASP A 798 -17.82 -11.31 -16.72
CA ASP A 798 -16.85 -11.04 -15.66
C ASP A 798 -17.10 -9.61 -15.19
N ASN A 799 -17.50 -9.43 -13.94
CA ASN A 799 -17.54 -8.09 -13.32
C ASN A 799 -16.16 -7.82 -12.74
N MET A 800 -15.48 -6.82 -13.28
CA MET A 800 -14.10 -6.55 -12.86
C MET A 800 -14.02 -5.68 -11.58
N GLY A 801 -15.16 -5.25 -11.05
CA GLY A 801 -15.21 -4.30 -9.97
C GLY A 801 -15.93 -3.05 -10.45
N LEU A 802 -16.45 -2.28 -9.51
CA LEU A 802 -17.17 -1.05 -9.83
C LEU A 802 -16.15 0.08 -10.04
N GLU A 803 -16.54 1.06 -10.83
CA GLU A 803 -15.65 2.17 -11.17
C GLU A 803 -15.50 3.14 -9.99
N GLU A 804 -14.41 3.89 -10.05
CA GLU A 804 -14.18 5.01 -9.14
C GLU A 804 -15.03 6.23 -9.51
N ASN A 805 -14.95 7.27 -8.67
CA ASN A 805 -15.81 8.46 -8.74
C ASN A 805 -14.96 9.69 -8.45
N TRP A 806 -13.93 9.89 -9.26
CA TRP A 806 -12.89 10.86 -8.97
C TRP A 806 -13.36 12.32 -9.13
N THR A 807 -14.15 12.59 -10.18
CA THR A 807 -14.76 13.90 -10.41
C THR A 807 -16.18 13.98 -9.82
N VAL A 808 -16.40 14.90 -8.88
CA VAL A 808 -17.71 15.08 -8.23
C VAL A 808 -18.69 15.59 -9.28
N GLY A 809 -19.86 14.96 -9.36
CA GLY A 809 -20.85 15.29 -10.39
C GLY A 809 -20.93 14.34 -11.57
N GLU A 810 -19.84 13.65 -11.89
CA GLU A 810 -19.83 12.73 -13.03
C GLU A 810 -20.54 11.41 -12.72
N ASP A 811 -20.64 11.07 -11.43
CA ASP A 811 -21.31 9.85 -10.96
C ASP A 811 -20.80 8.54 -11.62
N LEU A 812 -19.52 8.50 -11.97
CA LEU A 812 -18.96 7.37 -12.72
C LEU A 812 -18.97 6.04 -11.98
N MET A 813 -19.00 6.07 -10.65
CA MET A 813 -19.16 4.84 -9.88
C MET A 813 -20.52 4.16 -10.16
N LYS A 814 -21.48 4.92 -10.68
CA LYS A 814 -22.75 4.33 -11.09
C LYS A 814 -22.73 3.58 -12.44
N THR A 815 -21.58 3.57 -13.14
CA THR A 815 -21.44 2.85 -14.41
C THR A 815 -21.92 1.42 -14.22
N PRO A 816 -23.01 1.03 -14.92
CA PRO A 816 -23.59 -0.26 -14.58
C PRO A 816 -22.79 -1.44 -15.10
N ARG A 817 -23.18 -2.61 -14.60
CA ARG A 817 -22.59 -3.87 -14.96
C ARG A 817 -23.71 -4.79 -15.41
N GLY A 818 -23.44 -5.55 -16.47
CA GLY A 818 -24.38 -6.51 -17.01
C GLY A 818 -24.65 -6.26 -18.48
N ILE A 819 -25.93 -6.29 -18.84
CA ILE A 819 -26.37 -6.20 -20.23
C ILE A 819 -27.00 -4.84 -20.47
N LEU A 820 -26.43 -4.09 -21.41
CA LEU A 820 -26.87 -2.74 -21.75
C LEU A 820 -27.86 -2.67 -22.91
N ASN A 821 -27.75 -3.62 -23.83
CA ASN A 821 -28.57 -3.65 -25.05
C ASN A 821 -28.57 -5.06 -25.55
N PHE A 822 -29.67 -5.44 -26.19
CA PHE A 822 -29.70 -6.66 -26.98
C PHE A 822 -30.69 -6.50 -28.12
N LEU A 823 -30.61 -7.41 -29.07
CA LEU A 823 -31.50 -7.43 -30.24
C LEU A 823 -31.60 -8.87 -30.75
N LEU A 824 -32.79 -9.45 -30.63
CA LEU A 824 -33.12 -10.73 -31.25
C LEU A 824 -33.74 -10.34 -32.60
N ALA A 825 -32.95 -10.45 -33.68
CA ALA A 825 -33.29 -9.83 -34.97
C ALA A 825 -34.66 -10.30 -35.50
N GLY A 826 -35.48 -9.35 -35.94
CA GLY A 826 -36.84 -9.63 -36.38
C GLY A 826 -37.88 -9.85 -35.28
N ARG A 827 -37.47 -9.72 -34.01
CA ARG A 827 -38.36 -9.91 -32.87
C ARG A 827 -38.32 -8.66 -31.99
N PRO A 828 -39.45 -8.30 -31.36
CA PRO A 828 -39.35 -7.25 -30.33
C PRO A 828 -38.51 -7.75 -29.17
N SER A 829 -37.84 -6.85 -28.49
CA SER A 829 -36.99 -7.21 -27.35
C SER A 829 -37.76 -7.78 -26.14
N SER A 830 -39.04 -7.47 -26.02
CA SER A 830 -39.90 -8.10 -25.00
C SER A 830 -40.13 -9.61 -25.22
N ALA A 831 -39.75 -10.12 -26.40
CA ALA A 831 -39.71 -11.56 -26.62
C ALA A 831 -38.88 -12.31 -25.59
N ILE A 832 -37.79 -11.69 -25.10
CA ILE A 832 -36.92 -12.32 -24.12
C ILE A 832 -37.28 -11.88 -22.70
N SER A 833 -37.56 -12.85 -21.83
CA SER A 833 -37.76 -12.62 -20.41
C SER A 833 -36.53 -13.08 -19.66
N TRP A 834 -35.92 -12.20 -18.87
CA TRP A 834 -34.62 -12.45 -18.23
C TRP A 834 -34.67 -12.76 -16.74
N LYS A 835 -33.83 -13.70 -16.31
CA LYS A 835 -33.44 -13.88 -14.92
C LYS A 835 -31.94 -13.60 -14.78
N LEU A 836 -31.50 -13.32 -13.55
CA LEU A 836 -30.09 -13.08 -13.30
C LEU A 836 -29.68 -13.52 -11.91
N THR A 837 -28.37 -13.76 -11.77
CA THR A 837 -27.77 -13.91 -10.46
C THR A 837 -26.31 -13.47 -10.44
N GLY A 838 -25.96 -12.95 -9.27
CA GLY A 838 -24.60 -12.66 -8.86
C GLY A 838 -24.40 -13.55 -7.66
N ASN A 839 -23.59 -13.09 -6.70
CA ASN A 839 -23.38 -13.83 -5.45
C ASN A 839 -24.71 -14.15 -4.77
N LEU A 840 -24.81 -15.33 -4.15
CA LEU A 840 -26.09 -15.78 -3.63
C LEU A 840 -26.60 -14.83 -2.55
N GLY A 841 -27.86 -14.38 -2.71
CA GLY A 841 -28.50 -13.42 -1.79
C GLY A 841 -28.21 -11.96 -2.09
N GLY A 842 -27.24 -11.67 -2.96
CA GLY A 842 -26.88 -10.31 -3.33
C GLY A 842 -26.39 -9.53 -2.13
N GLU A 843 -27.15 -8.50 -1.75
CA GLU A 843 -26.83 -7.73 -0.54
C GLU A 843 -27.08 -8.47 0.77
N ASP A 844 -27.96 -9.48 0.77
CA ASP A 844 -28.07 -10.42 1.90
C ASP A 844 -27.04 -11.56 1.72
N TYR A 845 -25.78 -11.16 1.59
CA TYR A 845 -24.66 -12.06 1.27
C TYR A 845 -24.43 -13.12 2.37
N GLU A 846 -24.14 -14.34 1.94
CA GLU A 846 -24.06 -15.52 2.81
C GLU A 846 -22.88 -15.50 3.79
N ASP A 847 -21.71 -15.14 3.28
CA ASP A 847 -20.46 -15.30 4.00
C ASP A 847 -20.07 -14.03 4.76
N LYS A 848 -20.59 -13.93 5.99
CA LYS A 848 -20.34 -12.79 6.86
C LYS A 848 -18.88 -12.69 7.32
N VAL A 849 -18.17 -13.80 7.37
CA VAL A 849 -16.78 -13.82 7.81
C VAL A 849 -15.87 -13.25 6.73
N ARG A 850 -16.00 -13.72 5.49
CA ARG A 850 -15.12 -13.32 4.38
C ARG A 850 -15.54 -12.04 3.62
N GLY A 851 -16.75 -11.58 3.88
CA GLY A 851 -17.20 -10.27 3.39
C GLY A 851 -18.09 -10.31 2.17
N PRO A 852 -18.64 -9.15 1.79
CA PRO A 852 -19.63 -9.03 0.70
C PRO A 852 -19.08 -9.12 -0.75
N LEU A 853 -17.77 -9.05 -0.93
CA LEU A 853 -17.16 -9.04 -2.29
C LEU A 853 -16.54 -10.36 -2.73
N ASN A 854 -16.19 -11.20 -1.77
CA ASN A 854 -15.38 -12.39 -1.99
C ASN A 854 -15.85 -13.36 -3.07
N GLU A 855 -17.13 -13.72 -3.04
CA GLU A 855 -17.67 -14.71 -3.98
C GLU A 855 -18.56 -14.07 -5.05
N GLY A 856 -18.64 -14.71 -6.22
CA GLY A 856 -19.53 -14.31 -7.32
C GLY A 856 -20.68 -15.27 -7.54
N GLY A 857 -21.22 -15.27 -8.76
CA GLY A 857 -22.49 -15.96 -9.06
C GLY A 857 -22.46 -17.37 -9.65
N LEU A 858 -21.27 -17.95 -9.83
CA LEU A 858 -21.16 -19.33 -10.34
C LEU A 858 -21.81 -20.32 -9.37
N TYR A 859 -22.38 -21.39 -9.94
CA TYR A 859 -23.00 -22.49 -9.19
C TYR A 859 -22.19 -22.95 -7.96
N ALA A 860 -20.90 -23.20 -8.18
CA ALA A 860 -20.04 -23.72 -7.12
C ALA A 860 -19.83 -22.71 -6.00
N GLU A 861 -19.79 -21.42 -6.35
CA GLU A 861 -19.72 -20.33 -5.39
C GLU A 861 -21.07 -20.12 -4.64
N ARG A 862 -22.17 -20.21 -5.36
CA ARG A 862 -23.51 -20.07 -4.76
C ARG A 862 -23.77 -21.12 -3.68
N GLN A 863 -23.37 -22.36 -3.96
CA GLN A 863 -23.51 -23.48 -3.03
C GLN A 863 -22.48 -23.48 -1.89
N GLY A 864 -21.41 -22.69 -2.01
CA GLY A 864 -20.36 -22.60 -1.01
C GLY A 864 -19.26 -23.66 -1.11
N PHE A 865 -19.11 -24.28 -2.28
CA PHE A 865 -18.13 -25.36 -2.50
C PHE A 865 -16.67 -24.86 -2.52
N HIS A 866 -16.49 -23.57 -2.72
CA HIS A 866 -15.19 -22.91 -2.60
C HIS A 866 -14.60 -22.88 -1.18
N GLN A 867 -15.39 -23.27 -0.17
CA GLN A 867 -14.94 -23.28 1.22
C GLN A 867 -14.25 -24.62 1.58
N PRO A 868 -13.53 -24.65 2.72
CA PRO A 868 -12.95 -25.91 3.22
C PRO A 868 -13.96 -27.07 3.37
N GLU A 869 -13.51 -28.27 2.99
CA GLU A 869 -14.28 -29.52 3.06
C GLU A 869 -15.55 -29.48 2.22
N PRO A 870 -15.41 -29.27 0.89
CA PRO A 870 -16.61 -29.33 0.04
C PRO A 870 -17.13 -30.76 -0.04
N PRO A 871 -18.39 -30.97 -0.47
CA PRO A 871 -18.88 -32.34 -0.57
C PRO A 871 -18.46 -32.99 -1.90
N SER A 872 -17.13 -33.15 -2.10
CA SER A 872 -16.57 -33.63 -3.35
C SER A 872 -16.31 -35.15 -3.42
N GLN A 873 -16.86 -35.91 -2.46
CA GLN A 873 -16.54 -37.35 -2.35
C GLN A 873 -17.05 -38.17 -3.52
N ASN A 874 -18.17 -37.76 -4.11
CA ASN A 874 -18.72 -38.41 -5.30
C ASN A 874 -18.49 -37.63 -6.61
N TRP A 875 -17.63 -36.62 -6.60
CA TRP A 875 -17.27 -35.89 -7.83
C TRP A 875 -16.27 -36.67 -8.68
N LYS A 876 -16.19 -36.29 -9.95
CA LYS A 876 -15.25 -36.90 -10.89
C LYS A 876 -13.81 -36.46 -10.56
N SER A 877 -12.86 -37.36 -10.79
CA SER A 877 -11.44 -37.11 -10.59
C SER A 877 -10.86 -36.49 -11.86
N SER A 878 -10.57 -35.20 -11.80
CA SER A 878 -9.97 -34.49 -12.92
C SER A 878 -9.27 -33.27 -12.40
N SER A 879 -8.16 -32.93 -13.03
CA SER A 879 -7.30 -31.82 -12.66
C SER A 879 -7.54 -30.61 -13.58
N PRO A 880 -7.33 -29.38 -13.07
CA PRO A 880 -7.35 -28.24 -13.98
C PRO A 880 -6.23 -28.26 -15.05
N LEU A 881 -5.21 -29.11 -14.88
CA LEU A 881 -4.16 -29.32 -15.90
C LEU A 881 -4.67 -30.19 -17.06
N GLU A 882 -5.72 -30.97 -16.83
CA GLU A 882 -6.41 -31.68 -17.90
C GLU A 882 -7.46 -30.73 -18.51
N GLY A 883 -8.23 -30.07 -17.66
CA GLY A 883 -9.08 -28.95 -18.08
C GLY A 883 -10.30 -29.37 -18.85
N LEU A 884 -10.74 -28.49 -19.75
CA LEU A 884 -11.98 -28.66 -20.49
C LEU A 884 -11.71 -28.89 -21.97
N SER A 885 -12.60 -29.63 -22.63
CA SER A 885 -12.52 -29.85 -24.10
C SER A 885 -13.58 -29.08 -24.89
N GLU A 886 -14.48 -28.38 -24.19
CA GLU A 886 -15.39 -27.43 -24.84
C GLU A 886 -15.51 -26.16 -23.98
N ALA A 887 -16.10 -25.13 -24.55
CA ALA A 887 -16.40 -23.90 -23.82
C ALA A 887 -17.23 -24.24 -22.59
N GLY A 888 -16.91 -23.59 -21.48
CA GLY A 888 -17.59 -23.88 -20.22
C GLY A 888 -16.79 -23.41 -19.04
N ILE A 889 -17.28 -23.75 -17.85
CA ILE A 889 -16.65 -23.38 -16.60
C ILE A 889 -16.58 -24.60 -15.69
N GLY A 890 -15.36 -24.97 -15.32
CA GLY A 890 -15.07 -26.10 -14.44
C GLY A 890 -14.67 -25.60 -13.07
N PHE A 891 -14.96 -26.41 -12.05
CA PHE A 891 -14.62 -26.11 -10.68
C PHE A 891 -13.83 -27.29 -10.16
N TYR A 892 -12.69 -27.00 -9.52
CA TYR A 892 -11.75 -28.02 -9.11
C TYR A 892 -11.44 -27.83 -7.64
N SER A 893 -11.41 -28.92 -6.89
CA SER A 893 -11.15 -28.89 -5.44
C SER A 893 -10.10 -29.92 -5.04
N ALA A 894 -9.18 -29.51 -4.18
CA ALA A 894 -8.20 -30.40 -3.59
C ALA A 894 -7.69 -29.83 -2.28
N SER A 895 -7.23 -30.69 -1.39
CA SER A 895 -6.58 -30.24 -0.16
C SER A 895 -5.12 -30.64 -0.19
N PHE A 896 -4.31 -29.91 0.56
CA PHE A 896 -2.90 -30.23 0.72
C PHE A 896 -2.42 -29.82 2.09
N ASP A 897 -1.55 -30.63 2.68
CA ASP A 897 -1.00 -30.34 4.00
C ASP A 897 0.32 -29.59 3.87
N LEU A 898 0.54 -28.63 4.78
CA LEU A 898 1.84 -28.00 4.99
C LEU A 898 2.30 -28.35 6.40
N ASP A 899 3.61 -28.49 6.56
CA ASP A 899 4.25 -28.66 7.88
C ASP A 899 5.53 -27.84 7.88
N LEU A 900 5.38 -26.53 7.76
CA LEU A 900 6.52 -25.62 7.71
C LEU A 900 6.98 -25.28 9.12
N PRO A 901 8.29 -25.02 9.30
CA PRO A 901 8.86 -24.93 10.65
C PRO A 901 8.49 -23.63 11.38
N LYS A 902 8.39 -23.68 12.70
CA LYS A 902 8.09 -22.49 13.50
C LYS A 902 9.28 -21.57 13.54
N GLY A 903 9.04 -20.28 13.71
CA GLY A 903 10.10 -19.28 13.81
C GLY A 903 10.72 -18.91 12.47
N TRP A 904 10.02 -19.22 11.39
CA TRP A 904 10.48 -18.91 10.04
C TRP A 904 9.36 -18.21 9.29
N ASP A 905 9.72 -17.10 8.63
CA ASP A 905 8.80 -16.35 7.80
C ASP A 905 9.13 -16.76 6.35
N VAL A 906 8.26 -17.57 5.76
CA VAL A 906 8.48 -18.19 4.45
C VAL A 906 7.38 -17.72 3.50
N PRO A 907 7.70 -16.81 2.56
CA PRO A 907 6.67 -16.29 1.64
C PRO A 907 6.26 -17.32 0.60
N LEU A 908 4.97 -17.60 0.50
CA LEU A 908 4.47 -18.59 -0.46
C LEU A 908 3.72 -17.95 -1.61
N PHE A 909 3.81 -18.58 -2.78
CA PHE A 909 3.21 -18.12 -4.02
C PHE A 909 2.52 -19.25 -4.77
N LEU A 910 1.35 -18.95 -5.34
CA LEU A 910 0.75 -19.80 -6.39
C LEU A 910 1.22 -19.33 -7.75
N ASN A 911 1.59 -20.27 -8.62
CA ASN A 911 2.13 -19.97 -9.95
C ASN A 911 1.29 -20.64 -11.03
N ILE A 912 0.80 -19.86 -11.99
CA ILE A 912 0.06 -20.37 -13.14
C ILE A 912 0.94 -20.11 -14.36
N GLY A 913 1.34 -21.16 -15.07
CA GLY A 913 2.28 -21.01 -16.18
C GLY A 913 1.69 -20.33 -17.40
N ASN A 914 2.55 -19.65 -18.12
CA ASN A 914 2.19 -19.01 -19.37
C ASN A 914 3.44 -18.92 -20.27
N SER A 915 4.16 -20.03 -20.39
CA SER A 915 5.41 -20.08 -21.15
C SER A 915 5.20 -19.83 -22.64
N THR A 916 4.04 -20.21 -23.14
CA THR A 916 3.65 -19.96 -24.53
C THR A 916 2.28 -19.31 -24.61
N THR A 917 1.99 -18.69 -25.76
CA THR A 917 0.73 -17.98 -26.01
C THR A 917 -0.48 -18.90 -25.75
N PRO A 918 -1.31 -18.56 -24.75
CA PRO A 918 -2.38 -19.47 -24.37
C PRO A 918 -3.65 -19.28 -25.19
N SER A 919 -4.56 -20.22 -25.09
CA SER A 919 -5.95 -19.97 -25.52
C SER A 919 -6.57 -19.06 -24.45
N PRO A 920 -7.68 -18.38 -24.77
CA PRO A 920 -8.28 -17.48 -23.79
C PRO A 920 -9.03 -18.26 -22.68
N TYR A 921 -8.55 -18.11 -21.45
CA TYR A 921 -9.26 -18.64 -20.27
C TYR A 921 -9.07 -17.75 -19.05
N ARG A 922 -10.00 -17.88 -18.11
CA ARG A 922 -10.07 -17.09 -16.88
C ARG A 922 -10.13 -17.99 -15.66
N VAL A 923 -9.34 -17.64 -14.66
CA VAL A 923 -9.20 -18.46 -13.47
C VAL A 923 -9.34 -17.61 -12.21
N GLN A 924 -10.12 -18.15 -11.28
CA GLN A 924 -10.13 -17.69 -9.89
C GLN A 924 -9.59 -18.81 -9.04
N VAL A 925 -8.85 -18.46 -7.99
CA VAL A 925 -8.34 -19.44 -7.00
C VAL A 925 -8.73 -18.97 -5.60
N TYR A 926 -9.46 -19.81 -4.87
CA TYR A 926 -9.85 -19.62 -3.47
C TYR A 926 -8.97 -20.49 -2.55
N VAL A 927 -8.39 -19.87 -1.53
CA VAL A 927 -7.52 -20.50 -0.54
C VAL A 927 -8.27 -20.48 0.79
N ASN A 928 -8.71 -21.66 1.22
CA ASN A 928 -9.58 -21.81 2.40
C ASN A 928 -10.77 -20.85 2.36
N GLY A 929 -11.41 -20.74 1.19
CA GLY A 929 -12.55 -19.87 0.97
C GLY A 929 -12.31 -18.43 0.56
N TYR A 930 -11.06 -17.95 0.64
CA TYR A 930 -10.68 -16.58 0.30
C TYR A 930 -10.08 -16.52 -1.09
N GLN A 931 -10.67 -15.69 -1.96
CA GLN A 931 -10.18 -15.56 -3.34
C GLN A 931 -8.87 -14.76 -3.38
N TYR A 932 -7.76 -15.42 -3.71
CA TYR A 932 -6.46 -14.74 -3.71
C TYR A 932 -5.73 -14.75 -5.08
N ALA A 933 -6.45 -15.06 -6.14
CA ALA A 933 -5.93 -14.91 -7.50
C ALA A 933 -7.09 -14.76 -8.49
N LYS A 934 -6.98 -13.74 -9.34
CA LYS A 934 -7.81 -13.62 -10.53
C LYS A 934 -6.83 -13.56 -11.71
N TYR A 935 -7.01 -14.46 -12.68
CA TYR A 935 -6.05 -14.72 -13.74
C TYR A 935 -6.74 -14.67 -15.12
N ILE A 936 -6.19 -13.91 -16.06
CA ILE A 936 -6.72 -13.85 -17.43
C ILE A 936 -5.60 -14.25 -18.38
N SER A 937 -5.72 -15.44 -18.98
CA SER A 937 -4.61 -16.01 -19.75
C SER A 937 -4.08 -15.03 -20.81
N ASN A 938 -5.01 -14.44 -21.56
CA ASN A 938 -4.73 -13.59 -22.73
C ASN A 938 -4.39 -12.12 -22.46
N ILE A 939 -4.49 -11.65 -21.20
CA ILE A 939 -4.23 -10.22 -20.90
C ILE A 939 -3.09 -10.03 -19.88
N GLY A 940 -3.10 -10.79 -18.78
CA GLY A 940 -2.01 -10.71 -17.80
C GLY A 940 -1.98 -9.44 -16.96
N PRO A 941 -0.86 -9.11 -16.30
CA PRO A 941 0.45 -9.78 -16.45
C PRO A 941 0.77 -10.78 -15.35
N GLN A 942 -0.14 -10.98 -14.39
CA GLN A 942 0.21 -11.71 -13.20
C GLN A 942 0.09 -13.22 -13.36
N THR A 943 1.18 -13.90 -13.03
CA THR A 943 1.25 -15.36 -12.95
C THR A 943 1.62 -15.87 -11.57
N SER A 944 2.18 -14.99 -10.71
CA SER A 944 2.71 -15.33 -9.40
C SER A 944 1.86 -14.62 -8.37
N PHE A 945 1.16 -15.39 -7.53
CA PHE A 945 0.15 -14.86 -6.62
C PHE A 945 0.54 -15.18 -5.17
N PRO A 946 1.12 -14.21 -4.44
CA PRO A 946 1.43 -14.48 -3.03
C PRO A 946 0.15 -14.67 -2.20
N VAL A 947 0.26 -15.52 -1.21
CA VAL A 947 -0.84 -15.85 -0.31
C VAL A 947 -0.21 -15.87 1.07
N PRO A 948 -0.74 -15.06 2.01
CA PRO A 948 -0.09 -14.95 3.31
C PRO A 948 -0.44 -16.07 4.31
N GLU A 949 0.50 -16.30 5.23
CA GLU A 949 0.28 -17.15 6.37
C GLU A 949 -0.89 -16.54 7.16
N GLY A 950 -1.79 -17.38 7.67
CA GLY A 950 -3.03 -16.92 8.30
C GLY A 950 -4.22 -17.16 7.39
N ILE A 951 -4.05 -16.90 6.10
CA ILE A 951 -4.93 -17.40 5.05
C ILE A 951 -4.50 -18.85 4.76
N LEU A 952 -3.20 -19.05 4.54
CA LEU A 952 -2.62 -20.39 4.50
C LEU A 952 -2.30 -20.87 5.93
N ASN A 953 -2.52 -22.16 6.18
CA ASN A 953 -2.21 -22.79 7.46
C ASN A 953 -0.91 -23.54 7.27
N TYR A 954 0.16 -23.05 7.91
CA TYR A 954 1.51 -23.56 7.69
C TYR A 954 1.78 -24.90 8.39
N ARG A 955 0.95 -25.24 9.38
CA ARG A 955 1.01 -26.53 10.07
C ARG A 955 -0.40 -27.10 10.15
N GLY A 956 -0.93 -27.48 9.00
CA GLY A 956 -2.30 -27.93 8.91
C GLY A 956 -2.75 -28.15 7.48
N THR A 957 -4.05 -28.39 7.33
CA THR A 957 -4.64 -28.69 6.03
C THR A 957 -5.09 -27.40 5.35
N ASN A 958 -4.99 -27.39 4.03
CA ASN A 958 -5.34 -26.23 3.20
C ASN A 958 -6.16 -26.65 2.01
N TRP A 959 -7.07 -25.77 1.57
CA TRP A 959 -8.02 -26.09 0.52
C TRP A 959 -7.84 -25.13 -0.65
N LEU A 960 -7.61 -25.69 -1.85
CA LEU A 960 -7.64 -24.93 -3.08
C LEU A 960 -8.94 -25.20 -3.78
N ALA A 961 -9.54 -24.14 -4.31
CA ALA A 961 -10.71 -24.25 -5.15
C ALA A 961 -10.40 -23.39 -6.36
N VAL A 962 -10.47 -24.00 -7.55
CA VAL A 962 -10.10 -23.32 -8.78
C VAL A 962 -11.26 -23.35 -9.72
N THR A 963 -11.66 -22.18 -10.22
CA THR A 963 -12.60 -22.08 -11.31
C THR A 963 -11.83 -21.85 -12.61
N LEU A 964 -12.20 -22.60 -13.65
CA LEU A 964 -11.55 -22.52 -14.96
C LEU A 964 -12.64 -22.27 -16.01
N TRP A 965 -12.65 -21.06 -16.55
CA TRP A 965 -13.61 -20.65 -17.56
C TRP A 965 -12.87 -20.58 -18.88
N ALA A 966 -13.27 -21.44 -19.81
CA ALA A 966 -12.64 -21.52 -21.11
C ALA A 966 -13.47 -20.75 -22.10
N LEU A 967 -12.96 -19.60 -22.55
CA LEU A 967 -13.67 -18.74 -23.49
C LEU A 967 -13.33 -19.09 -24.96
N ASP A 968 -13.37 -20.38 -25.29
CA ASP A 968 -12.95 -20.94 -26.59
C ASP A 968 -13.69 -22.26 -26.80
N SER A 969 -14.09 -22.54 -28.04
CA SER A 969 -14.94 -23.72 -28.30
C SER A 969 -14.22 -25.06 -28.14
N ALA A 970 -12.89 -25.06 -28.24
CA ALA A 970 -12.06 -26.23 -27.97
C ALA A 970 -11.71 -26.40 -26.47
N GLY A 971 -12.22 -25.50 -25.61
CA GLY A 971 -12.01 -25.59 -24.18
C GLY A 971 -10.70 -24.92 -23.80
N GLY A 972 -9.97 -25.56 -22.90
CA GLY A 972 -8.74 -25.00 -22.36
C GLY A 972 -8.34 -25.63 -21.05
N LYS A 973 -7.11 -25.38 -20.67
CA LYS A 973 -6.50 -26.03 -19.51
C LYS A 973 -5.34 -25.20 -18.98
N LEU A 974 -5.01 -25.39 -17.71
CA LEU A 974 -3.81 -24.78 -17.15
C LEU A 974 -2.57 -25.49 -17.71
N GLU A 975 -1.57 -24.72 -18.11
CA GLU A 975 -0.28 -25.28 -18.51
C GLU A 975 0.45 -25.87 -17.29
N SER A 976 0.41 -25.16 -16.18
CA SER A 976 1.05 -25.62 -14.95
C SER A 976 0.47 -24.87 -13.77
N LEU A 977 0.51 -25.51 -12.61
CA LEU A 977 -0.01 -24.96 -11.37
C LEU A 977 0.94 -25.42 -10.28
N GLU A 978 1.59 -24.47 -9.60
CA GLU A 978 2.69 -24.78 -8.70
C GLU A 978 2.69 -23.85 -7.48
N LEU A 979 3.07 -24.42 -6.34
CA LEU A 979 3.31 -23.69 -5.11
C LEU A 979 4.83 -23.49 -5.06
N SER A 980 5.28 -22.26 -4.78
CA SER A 980 6.72 -21.97 -4.62
C SER A 980 6.96 -21.06 -3.41
N TYR A 981 8.22 -20.93 -3.04
CA TYR A 981 8.65 -20.04 -1.97
C TYR A 981 9.84 -19.19 -2.37
N THR A 982 10.00 -18.06 -1.69
CA THR A 982 11.23 -17.26 -1.75
C THR A 982 11.95 -17.32 -0.41
N THR A 983 13.13 -16.71 -0.37
CA THR A 983 14.05 -16.76 0.79
C THR A 983 13.37 -16.83 2.17
N PRO A 984 13.53 -17.97 2.88
CA PRO A 984 13.03 -18.03 4.24
C PRO A 984 13.79 -17.05 5.13
N VAL A 985 13.07 -16.46 6.08
CA VAL A 985 13.64 -15.48 6.97
C VAL A 985 13.49 -15.99 8.40
N LEU A 986 14.61 -16.00 9.13
CA LEU A 986 14.60 -16.31 10.56
C LEU A 986 14.00 -15.09 11.21
N THR A 987 12.82 -15.25 11.82
CA THR A 987 11.97 -14.12 12.21
C THR A 987 11.73 -14.08 13.71
N ALA A 988 11.60 -12.85 14.22
CA ALA A 988 11.13 -12.63 15.59
C ALA A 988 9.60 -12.67 15.75
N LEU A 989 8.84 -12.76 14.64
CA LEU A 989 7.38 -12.72 14.72
C LEU A 989 6.83 -13.89 15.52
N GLY A 990 5.81 -13.64 16.33
CA GLY A 990 5.09 -14.69 17.03
C GLY A 990 4.23 -15.51 16.08
N GLU A 991 3.56 -16.51 16.64
CA GLU A 991 2.70 -17.40 15.85
C GLU A 991 1.64 -16.61 15.10
N VAL A 992 1.56 -16.86 13.79
CA VAL A 992 0.50 -16.28 12.97
C VAL A 992 -0.71 -17.20 13.09
N GLU A 993 -1.71 -16.72 13.81
CA GLU A 993 -2.97 -17.45 14.01
C GLU A 993 -3.76 -17.45 12.70
N SER A 994 -4.27 -18.61 12.32
CA SER A 994 -5.12 -18.70 11.14
C SER A 994 -6.37 -17.84 11.34
N VAL A 995 -6.78 -17.13 10.28
CA VAL A 995 -8.05 -16.41 10.30
C VAL A 995 -9.16 -17.43 10.22
N ASP A 996 -10.37 -16.99 10.54
CA ASP A 996 -11.55 -17.83 10.50
C ASP A 996 -11.74 -18.34 9.06
N GLN A 997 -11.86 -19.66 8.92
CA GLN A 997 -12.06 -20.32 7.64
C GLN A 997 -13.30 -21.22 7.70
N PRO A 998 -14.51 -20.63 7.71
CA PRO A 998 -15.73 -21.45 7.83
C PRO A 998 -15.82 -22.54 6.76
N LYS A 999 -16.06 -23.77 7.20
CA LYS A 999 -16.15 -24.91 6.32
C LYS A 999 -17.45 -24.89 5.52
N TYR A 1000 -17.52 -25.73 4.48
CA TYR A 1000 -18.73 -25.80 3.66
C TYR A 1000 -19.93 -26.26 4.50
N LYS A 1001 -21.08 -25.65 4.25
CA LYS A 1001 -22.34 -26.08 4.80
C LYS A 1001 -23.42 -25.80 3.77
N LYS A 1002 -24.36 -26.74 3.62
CA LYS A 1002 -25.42 -26.59 2.63
C LYS A 1002 -26.23 -25.31 2.91
N ARG A 1003 -26.48 -24.53 1.85
CA ARG A 1003 -27.14 -23.25 1.97
C ARG A 1003 -28.60 -23.38 1.56
N LYS A 1004 -29.50 -23.06 2.49
CA LYS A 1004 -30.95 -23.21 2.28
C LYS A 1004 -31.46 -22.38 1.10
N GLY A 1005 -31.01 -21.13 1.03
CA GLY A 1005 -31.42 -20.20 -0.01
C GLY A 1005 -30.78 -20.37 -1.38
N ALA A 1006 -30.04 -21.46 -1.59
CA ALA A 1006 -29.47 -21.74 -2.92
C ALA A 1006 -30.58 -22.09 -3.92
N TYR A 1007 -30.22 -22.15 -5.20
CA TYR A 1007 -31.21 -22.33 -6.27
C TYR A 1007 -31.47 -23.80 -6.67
N HIS A 1008 -30.62 -24.72 -6.23
CA HIS A 1008 -30.72 -26.16 -6.58
C HIS A 1008 -32.00 -26.86 -6.09
C1 NAG B . 10.19 -9.78 -2.34
C2 NAG B . 10.70 -11.16 -2.93
C3 NAG B . 10.50 -11.07 -4.38
C4 NAG B . 9.03 -10.86 -4.67
C5 NAG B . 8.55 -9.62 -3.98
C6 NAG B . 7.05 -9.45 -4.09
C7 NAG B . 12.42 -12.11 -1.50
C8 NAG B . 13.89 -12.27 -1.36
N2 NAG B . 12.04 -11.36 -2.50
O3 NAG B . 10.90 -12.31 -4.80
O4 NAG B . 8.93 -10.62 -6.02
O5 NAG B . 8.85 -9.68 -2.62
O6 NAG B . 6.45 -10.37 -3.24
O7 NAG B . 11.73 -12.60 -0.71
C1 NAG B . 8.17 -11.58 -6.96
C2 NAG B . 7.82 -11.06 -8.36
C3 NAG B . 7.28 -12.15 -9.27
C4 NAG B . 8.18 -13.38 -9.20
C5 NAG B . 8.24 -13.82 -7.75
C6 NAG B . 8.98 -15.14 -7.52
C7 NAG B . 7.12 -8.73 -8.32
C8 NAG B . 5.94 -7.80 -8.15
N2 NAG B . 6.83 -10.02 -8.22
O3 NAG B . 7.21 -11.63 -10.59
O4 NAG B . 7.63 -14.39 -10.06
O5 NAG B . 8.91 -12.79 -7.03
O6 NAG B . 10.35 -14.90 -7.83
O7 NAG B . 8.26 -8.32 -8.55
C1 BMA B . 8.60 -14.99 -10.92
C2 BMA B . 7.93 -16.25 -11.44
C3 BMA B . 8.90 -16.96 -12.37
C4 BMA B . 9.35 -16.04 -13.50
C5 BMA B . 9.89 -14.72 -13.00
C6 BMA B . 9.95 -13.78 -14.20
O2 BMA B . 6.72 -15.91 -12.14
O3 BMA B . 8.27 -18.11 -12.96
O4 BMA B . 10.36 -16.71 -14.26
O5 BMA B . 9.03 -14.14 -11.99
O6 BMA B . 10.43 -12.47 -13.83
C1 MAN B . 9.08 -19.29 -12.80
C2 MAN B . 8.55 -20.38 -13.71
C3 MAN B . 7.18 -20.86 -13.21
C4 MAN B . 7.31 -21.38 -11.78
C5 MAN B . 7.90 -20.30 -10.89
C6 MAN B . 8.23 -20.87 -9.52
O2 MAN B . 9.51 -21.44 -13.63
O3 MAN B . 6.70 -21.89 -14.06
O4 MAN B . 6.03 -21.78 -11.29
O5 MAN B . 9.12 -19.76 -11.45
O6 MAN B . 8.65 -19.80 -8.67
C1 MAN B . 10.03 -21.86 -14.89
C2 MAN B . 10.72 -23.20 -14.64
C3 MAN B . 12.00 -22.99 -13.84
C4 MAN B . 12.92 -22.00 -14.54
C5 MAN B . 12.19 -20.70 -14.84
C6 MAN B . 13.04 -19.82 -15.76
O2 MAN B . 11.08 -23.83 -15.88
O3 MAN B . 12.68 -24.23 -13.68
O4 MAN B . 14.05 -21.76 -13.70
O5 MAN B . 10.92 -20.92 -15.49
O6 MAN B . 13.10 -20.40 -17.06
C1 MAN B . 10.02 -24.54 -16.54
C2 MAN B . 10.68 -25.60 -17.42
C3 MAN B . 11.40 -24.95 -18.60
C4 MAN B . 10.51 -23.94 -19.34
C5 MAN B . 9.85 -22.97 -18.36
C6 MAN B . 8.87 -22.03 -19.05
O2 MAN B . 9.66 -26.51 -17.84
O3 MAN B . 11.85 -25.95 -19.52
O4 MAN B . 11.30 -23.20 -20.29
O5 MAN B . 9.16 -23.72 -17.35
O6 MAN B . 9.42 -20.71 -19.11
C1 MAN B . 11.85 -12.34 -14.07
C2 MAN B . 12.34 -11.19 -13.14
C3 MAN B . 12.82 -9.96 -13.90
C4 MAN B . 13.68 -10.38 -15.07
C5 MAN B . 12.76 -11.08 -16.07
C6 MAN B . 13.51 -11.50 -17.35
O2 MAN B . 13.40 -11.69 -12.32
O3 MAN B . 13.57 -9.11 -13.00
O4 MAN B . 14.33 -9.25 -15.68
O5 MAN B . 12.14 -12.24 -15.48
O6 MAN B . 14.62 -12.35 -17.05
C1 MAN B . 12.77 -8.06 -12.42
C2 MAN B . 13.72 -6.92 -12.02
C3 MAN B . 14.47 -7.23 -10.73
C4 MAN B . 13.47 -7.55 -9.62
C5 MAN B . 12.53 -8.69 -10.03
C6 MAN B . 11.37 -8.81 -9.04
O2 MAN B . 12.98 -5.71 -11.86
O3 MAN B . 15.27 -6.10 -10.37
O4 MAN B . 14.21 -7.90 -8.45
O5 MAN B . 11.95 -8.51 -11.32
O6 MAN B . 11.82 -9.21 -7.74
C1 NAG C . 18.80 -10.32 2.26
C2 NAG C . 18.77 -10.55 0.76
C3 NAG C . 19.64 -9.49 0.09
C4 NAG C . 19.10 -8.10 0.43
C5 NAG C . 18.96 -7.93 1.94
C6 NAG C . 18.27 -6.63 2.32
C7 NAG C . 18.44 -12.79 -0.30
C8 NAG C . 19.12 -14.10 -0.66
N2 NAG C . 19.22 -11.89 0.35
O3 NAG C . 19.64 -9.65 -1.32
O4 NAG C . 20.02 -7.13 -0.03
O5 NAG C . 18.24 -9.02 2.50
O6 NAG C . 18.69 -6.32 3.64
O7 NAG C . 17.26 -12.63 -0.58
C1 NAG C . 19.52 -6.24 -1.02
C2 NAG C . 20.51 -5.09 -1.18
C3 NAG C . 20.08 -4.18 -2.33
C4 NAG C . 19.80 -4.98 -3.58
C5 NAG C . 18.75 -6.06 -3.26
C6 NAG C . 18.35 -6.94 -4.44
C7 NAG C . 21.46 -4.43 0.99
C8 NAG C . 21.25 -3.61 2.22
N2 NAG C . 20.52 -4.36 0.08
O3 NAG C . 21.14 -3.27 -2.59
O4 NAG C . 19.30 -4.11 -4.59
O5 NAG C . 19.27 -6.90 -2.25
O6 NAG C . 17.13 -7.60 -4.06
O7 NAG C . 22.46 -5.10 0.84
C1 BMA C . 20.04 -4.26 -5.81
C2 BMA C . 19.34 -3.45 -6.90
C3 BMA C . 20.16 -3.40 -8.18
C4 BMA C . 21.64 -3.14 -7.93
C5 BMA C . 22.16 -4.10 -6.87
C6 BMA C . 23.66 -3.94 -6.61
O2 BMA C . 19.12 -2.12 -6.40
O3 BMA C . 19.70 -2.30 -8.99
O4 BMA C . 22.38 -3.28 -9.14
O5 BMA C . 21.40 -3.85 -5.68
O6 BMA C . 24.04 -2.55 -6.59
C1 MAN C . 18.86 -2.73 -10.07
C2 MAN C . 18.71 -1.57 -11.05
C3 MAN C . 17.91 -0.44 -10.43
C4 MAN C . 16.55 -0.95 -9.95
C5 MAN C . 16.63 -2.24 -9.13
C6 MAN C . 15.25 -2.89 -9.09
O2 MAN C . 18.01 -2.03 -12.21
O3 MAN C . 17.71 0.57 -11.41
O4 MAN C . 15.94 0.07 -9.15
O5 MAN C . 17.55 -3.19 -9.68
O6 MAN C . 15.18 -3.83 -8.02
C1 MAN C . 18.81 -2.81 -13.10
C2 MAN C . 18.42 -2.49 -14.54
C3 MAN C . 17.00 -2.95 -14.78
C4 MAN C . 16.81 -4.43 -14.46
C5 MAN C . 17.40 -4.79 -13.08
C6 MAN C . 17.53 -6.30 -12.93
O2 MAN C . 19.33 -3.16 -15.43
O3 MAN C . 16.64 -2.70 -16.14
O4 MAN C . 15.41 -4.74 -14.47
O5 MAN C . 18.71 -4.23 -12.89
O6 MAN C . 17.54 -6.63 -11.54
C1 MAN C . 20.26 -2.24 -16.06
C2 MAN C . 21.15 -3.04 -17.02
C3 MAN C . 22.16 -3.84 -16.22
C4 MAN C . 23.03 -2.91 -15.37
C5 MAN C . 22.11 -2.13 -14.43
C6 MAN C . 22.89 -1.09 -13.61
O2 MAN C . 21.82 -2.15 -17.92
O3 MAN C . 22.97 -4.64 -17.10
O4 MAN C . 23.97 -3.68 -14.61
O5 MAN C . 21.06 -1.46 -15.15
O6 MAN C . 22.10 -0.70 -12.49
C1 MAN C . 23.96 -1.95 -5.28
C2 MAN C . 23.83 -0.46 -5.47
C3 MAN C . 25.10 0.11 -6.10
C4 MAN C . 26.32 -0.29 -5.30
C5 MAN C . 26.31 -1.79 -5.07
C6 MAN C . 27.46 -2.25 -4.19
O2 MAN C . 23.64 0.14 -4.19
O3 MAN C . 25.05 1.53 -6.14
O4 MAN C . 27.47 0.04 -6.08
O5 MAN C . 25.08 -2.22 -4.46
O6 MAN C . 27.73 -3.56 -4.69
C1 MAN C . 28.90 -4.12 -4.10
C2 MAN C . 29.18 -5.42 -4.84
C3 MAN C . 28.12 -6.46 -4.43
C4 MAN C . 28.06 -6.60 -2.91
C5 MAN C . 27.77 -5.24 -2.29
C6 MAN C . 27.72 -5.22 -0.76
O2 MAN C . 30.50 -5.91 -4.55
O3 MAN C . 28.41 -7.71 -5.06
O4 MAN C . 27.05 -7.55 -2.56
O5 MAN C . 28.78 -4.31 -2.69
O6 MAN C . 29.06 -5.27 -0.25
C1 MAN C . 31.55 -5.36 -5.37
C2 MAN C . 32.76 -6.30 -5.25
C3 MAN C . 33.46 -6.18 -3.89
C4 MAN C . 33.74 -4.72 -3.51
C5 MAN C . 32.47 -3.91 -3.68
C6 MAN C . 32.71 -2.45 -3.30
O2 MAN C . 33.68 -6.04 -6.32
O3 MAN C . 34.67 -6.96 -3.87
O4 MAN C . 34.19 -4.65 -2.16
O5 MAN C . 31.95 -4.03 -5.03
O6 MAN C . 31.72 -1.60 -3.90
C1 MAN C . 25.11 2.04 -7.50
C2 MAN C . 25.26 3.55 -7.45
C3 MAN C . 23.99 4.20 -6.91
C4 MAN C . 22.77 3.71 -7.70
C5 MAN C . 22.72 2.18 -7.71
C6 MAN C . 21.53 1.58 -8.46
O2 MAN C . 25.53 3.98 -8.79
O3 MAN C . 24.11 5.62 -6.95
O4 MAN C . 21.57 4.23 -7.11
O5 MAN C . 23.96 1.69 -8.27
O6 MAN C . 21.75 1.61 -9.87
C1 NAG D . 0.66 -14.87 -21.47
C2 NAG D . 0.24 -13.54 -20.86
C3 NAG D . -0.40 -12.65 -21.92
C4 NAG D . 0.51 -12.56 -23.15
C5 NAG D . 0.91 -13.96 -23.61
C6 NAG D . 1.79 -14.03 -24.86
C7 NAG D . -0.27 -13.55 -18.46
C8 NAG D . -1.29 -13.89 -17.42
N2 NAG D . -0.63 -13.78 -19.72
O3 NAG D . -0.63 -11.37 -21.34
O4 NAG D . -0.20 -11.95 -24.23
O5 NAG D . 1.58 -14.61 -22.53
O6 NAG D . 2.95 -13.22 -24.69
O7 NAG D . 0.80 -13.08 -18.12
C1 NAG D . 0.12 -10.57 -24.44
C2 NAG D . -0.44 -10.20 -25.81
C3 NAG D . -0.29 -8.71 -26.08
C4 NAG D . -0.78 -7.84 -24.92
C5 NAG D . -0.18 -8.34 -23.60
C6 NAG D . -0.75 -7.57 -22.40
C7 NAG D . -0.24 -11.93 -27.58
C8 NAG D . 0.70 -12.51 -28.60
N2 NAG D . 0.27 -10.93 -26.85
O3 NAG D . -1.06 -8.40 -27.24
O4 NAG D . -0.33 -6.50 -25.18
O5 NAG D . -0.45 -9.73 -23.44
O6 NAG D . -2.17 -7.76 -22.30
O7 NAG D . -1.38 -12.36 -27.46
C1 BMA D . -1.38 -5.52 -25.31
C2 BMA D . -0.75 -4.14 -25.14
C3 BMA D . -1.81 -3.05 -25.10
C4 BMA D . -2.68 -3.15 -26.36
C5 BMA D . -3.12 -4.59 -26.70
C6 BMA D . -3.65 -4.64 -28.12
O2 BMA D . 0.13 -3.92 -26.24
O3 BMA D . -1.16 -1.76 -24.95
O4 BMA D . -3.89 -2.41 -26.17
O5 BMA D . -2.07 -5.57 -26.56
O6 BMA D . -4.37 -5.86 -28.32
C1 MAN D . -1.91 -0.77 -24.17
C2 MAN D . -1.04 0.47 -23.93
C3 MAN D . 0.07 0.16 -22.93
C4 MAN D . -0.55 -0.26 -21.61
C5 MAN D . -1.48 -1.45 -21.86
C6 MAN D . -2.22 -1.85 -20.58
O2 MAN D . -1.82 1.52 -23.33
O3 MAN D . 0.89 1.31 -22.73
O4 MAN D . 0.48 -0.58 -20.68
O5 MAN D . -2.44 -1.18 -22.90
O6 MAN D . -2.94 -3.06 -20.83
C1 MAN D . -2.61 2.32 -24.22
C2 MAN D . -2.69 3.72 -23.61
C3 MAN D . -3.50 3.72 -22.32
C4 MAN D . -4.88 3.14 -22.58
C5 MAN D . -4.76 1.75 -23.24
C6 MAN D . -6.11 1.15 -23.64
O2 MAN D . -3.36 4.59 -24.53
O3 MAN D . -3.62 5.05 -21.82
O4 MAN D . -5.62 3.04 -21.35
O5 MAN D . -3.93 1.81 -24.41
O6 MAN D . -7.21 2.01 -23.31
C1 MAN D . -2.57 5.05 -25.62
C2 MAN D . -2.95 6.50 -25.85
C3 MAN D . -4.38 6.60 -26.38
C4 MAN D . -4.52 5.77 -27.66
C5 MAN D . -4.09 4.33 -27.38
C6 MAN D . -4.12 3.50 -28.65
O2 MAN D . -2.00 7.04 -26.78
O3 MAN D . -4.75 7.97 -26.60
O4 MAN D . -5.88 5.81 -28.11
O5 MAN D . -2.76 4.28 -26.82
O6 MAN D . -3.69 2.17 -28.33
C1 GLC E . 2.97 14.64 -14.16
C2 GLC E . 2.80 13.13 -14.26
C3 GLC E . 1.35 12.73 -14.01
C4 GLC E . 0.82 13.37 -12.73
C5 GLC E . 1.12 14.87 -12.71
C6 GLC E . 0.65 15.49 -11.41
O1 GLC E . 2.20 15.28 -15.19
O2 GLC E . 3.19 12.71 -15.58
O3 GLC E . 1.27 11.30 -13.90
O4 GLC E . -0.51 13.15 -12.80
O5 GLC E . 2.52 15.08 -12.89
O6 GLC E . 0.47 16.90 -11.59
C1 GAL E . -1.30 13.54 -11.70
C2 GAL E . -2.59 14.12 -12.21
C3 GAL E . -3.34 14.73 -11.03
C4 GAL E . -3.63 13.61 -10.07
C5 GAL E . -2.41 12.77 -9.71
C6 GAL E . -2.83 11.55 -8.89
O2 GAL E . -2.42 15.08 -13.24
O3 GAL E . -4.58 15.21 -11.55
O4 GAL E . -4.49 12.80 -10.83
O5 GAL E . -1.69 12.42 -10.91
O6 GAL E . -3.75 10.79 -9.12
C1 GAL E . -3.52 9.93 -8.02
C2 GAL E . -4.80 9.86 -7.24
C3 GAL E . -4.47 9.14 -5.94
C4 GAL E . -3.99 7.75 -6.25
C5 GAL E . -2.90 7.76 -7.33
C6 GAL E . -2.66 6.42 -7.99
O2 GAL E . -5.05 11.22 -7.15
O3 GAL E . -5.62 9.10 -5.11
O4 GAL E . -5.09 7.07 -6.77
O5 GAL E . -3.25 8.62 -8.40
O6 GAL E . -2.35 5.51 -6.97
C1 NAG F . -35.40 11.07 -8.17
C2 NAG F . -36.40 10.11 -8.85
C3 NAG F . -37.78 10.74 -9.17
C4 NAG F . -38.12 12.05 -8.45
C5 NAG F . -36.90 12.93 -8.27
C6 NAG F . -37.21 14.26 -7.57
C7 NAG F . -35.03 8.45 -10.16
C8 NAG F . -34.49 8.10 -11.51
N2 NAG F . -35.77 9.57 -10.08
O3 NAG F . -38.79 9.79 -8.81
O4 NAG F . -39.14 12.75 -9.17
O5 NAG F . -36.00 12.17 -7.48
O6 NAG F . -38.16 15.05 -8.30
O7 NAG F . -34.79 7.71 -9.20
C1 NAG G . 12.28 34.39 -2.80
C2 NAG G . 12.79 35.83 -3.08
C3 NAG G . 12.27 36.40 -4.41
C4 NAG G . 11.49 35.35 -5.23
C5 NAG G . 10.40 34.70 -4.38
C6 NAG G . 9.65 33.59 -5.14
C7 NAG G . 13.15 37.83 -1.64
C8 NAG G . 12.63 38.62 -0.45
N2 NAG G . 12.46 36.72 -1.97
O3 NAG G . 13.36 36.90 -5.18
O4 NAG G . 10.90 35.98 -6.37
O5 NAG G . 10.89 34.20 -3.12
O6 NAG G . 10.53 32.55 -5.57
O7 NAG G . 14.14 38.22 -2.24
C1 NAG H . 21.42 21.32 22.09
C2 NAG H . 20.65 22.62 22.37
C3 NAG H . 20.40 22.82 23.87
C4 NAG H . 19.69 21.59 24.45
C5 NAG H . 20.55 20.36 24.14
C6 NAG H . 19.91 19.08 24.70
C7 NAG H . 20.92 24.49 20.79
C8 NAG H . 21.79 25.66 20.40
N2 NAG H . 21.35 23.78 21.84
O3 NAG H . 19.58 23.97 24.06
O4 NAG H . 19.46 21.80 25.86
O5 NAG H . 20.73 20.23 22.72
O6 NAG H . 20.85 18.00 24.64
O7 NAG H . 19.89 24.23 20.17
C1 NAG I . -36.77 -15.51 -42.11
C2 NAG I . -36.00 -16.42 -43.07
C3 NAG I . -35.21 -15.53 -44.04
C4 NAG I . -36.19 -14.64 -44.80
C5 NAG I . -37.17 -13.92 -43.85
C6 NAG I . -38.31 -13.24 -44.60
C7 NAG I . -34.13 -17.43 -41.65
C8 NAG I . -33.46 -16.13 -41.30
N2 NAG I . -35.23 -17.50 -42.43
O3 NAG I . -34.44 -16.35 -44.93
O4 NAG I . -35.47 -13.67 -45.57
O5 NAG I . -37.75 -14.82 -42.88
O6 NAG I . -39.19 -12.61 -43.68
O7 NAG I . -33.65 -18.47 -41.22
C1 NAG J . -33.89 -25.43 -23.90
C2 NAG J . -34.78 -26.60 -24.29
C3 NAG J . -36.08 -26.57 -23.47
C4 NAG J . -35.78 -26.55 -21.99
C5 NAG J . -34.92 -25.32 -21.67
C6 NAG J . -34.56 -25.24 -20.20
C7 NAG J . -34.86 -27.47 -26.59
C8 NAG J . -35.25 -27.19 -28.02
N2 NAG J . -35.08 -26.49 -25.71
O3 NAG J . -36.86 -27.71 -23.77
O4 NAG J . -36.98 -26.54 -21.20
O5 NAG J . -33.75 -25.36 -22.48
O6 NAG J . -33.29 -24.60 -19.99
O7 NAG J . -34.37 -28.54 -26.28
C1 NAG K . -21.48 -0.54 -28.46
C2 NAG K . -20.43 0.55 -28.31
C3 NAG K . -20.99 1.76 -27.53
C4 NAG K . -22.40 2.14 -28.00
C5 NAG K . -23.32 0.92 -28.09
C6 NAG K . -24.73 1.26 -28.58
C7 NAG K . -18.07 -0.25 -28.22
C8 NAG K . -17.03 -0.85 -27.33
N2 NAG K . -19.26 -0.01 -27.64
O3 NAG K . -20.14 2.88 -27.71
O4 NAG K . -22.96 3.12 -27.10
O5 NAG K . -22.72 -0.02 -28.98
O6 NAG K . -24.67 1.81 -29.90
O7 NAG K . -17.82 -0.04 -29.40
S DMS L . 2.24 26.28 21.08
O DMS L . 2.37 24.84 21.38
C1 DMS L . 3.79 26.96 20.82
C2 DMS L . 1.50 26.49 19.56
CL CL M . -27.45 -22.60 -6.85
OH2 1PE N . -5.56 12.87 -18.15
C12 1PE N . -6.51 12.00 -18.78
C22 1PE N . -7.10 10.98 -17.79
OH3 1PE N . -7.32 11.59 -16.51
C13 1PE N . -6.45 12.20 -14.34
C23 1PE N . -6.33 11.26 -15.53
OH4 1PE N . -7.63 11.83 -13.61
C14 1PE N . -8.14 10.44 -11.70
C24 1PE N . -7.50 11.73 -12.19
OH5 1PE N . -7.66 9.27 -12.40
C15 1PE N . -5.52 9.12 -11.18
C25 1PE N . -6.25 9.06 -12.52
OH6 1PE N . -6.24 8.37 -10.20
C16 1PE N . -7.42 6.31 -10.30
C26 1PE N . -6.05 6.96 -10.30
OH7 1PE N . -7.32 5.03 -9.70
#